data_5NX7
#
_entry.id   5NX7
#
_cell.length_a   60.745
_cell.length_b   60.826
_cell.length_c   64.258
_cell.angle_alpha   92.67
_cell.angle_beta   89.98
_cell.angle_gamma   101.77
#
_symmetry.space_group_name_H-M   'P 1'
#
loop_
_entity.id
_entity.type
_entity.pdbx_description
1 polymer 'Pentalenene synthase'
2 non-polymer '(2Z)-2-fluoro-3,7-dimethylocta-2,6-dien-1-yl trihydrogen diphosphate'
3 non-polymer '(2E)-2-fluoro-3,7-dimethylocta-2,6-dien-1-yl trihydrogen diphosphate'
4 non-polymer 'MAGNESIUM ION'
5 non-polymer 2-ethyl-2-(hydroxymethyl)propane-1,3-diol
6 non-polymer 'ETHYL DIMETHYL AMMONIO PROPANE SULFONATE'
7 water water
#
_entity_poly.entity_id   1
_entity_poly.type   'polypeptide(L)'
_entity_poly.pdbx_seq_one_letter_code
;MPAGHEEFDIPFPSRVNPFHARAEDRHVAWMRAMGLITGDAAEATYRRWSPAKVGARWFYLAQGEDLDLGCDIFGWFFAY
DDHFDGPTGTDPRQTAAFVNRTVAMLDPRADPTGEHPLNIAFHDLWQRESAPMSPLWQRRAVDHWTQYLTAHITEATNRT
RHTSPTIADYLELRHRTGFMPPLLDLIERVWRAEIPAPVYTTPEVQTLLHTTNQNINIVNDVLSLEKEEAHGDPHNLVLV
IQHERQSTRQQALATARRMIDEWTDTFIRTEPRLPALCGRLGIPLADRTSLYTAVEGMRAAIRGNYDWCAETNRYAVHRP
TGTGRATTPW
;
_entity_poly.pdbx_strand_id   A,B
#
# COMPACT_ATOMS: atom_id res chain seq x y z
N GLY A 4 26.06 -3.11 -1.05
CA GLY A 4 26.61 -4.46 -0.98
C GLY A 4 26.00 -5.42 -2.00
N HIS A 5 24.99 -4.94 -2.70
CA HIS A 5 24.23 -5.75 -3.64
C HIS A 5 23.77 -4.87 -4.79
N GLU A 6 23.36 -5.50 -5.89
CA GLU A 6 22.76 -4.75 -6.99
C GLU A 6 21.49 -4.05 -6.51
N GLU A 7 21.35 -2.78 -6.88
CA GLU A 7 20.20 -1.98 -6.46
C GLU A 7 19.31 -1.69 -7.64
N PHE A 8 18.00 -1.80 -7.42
CA PHE A 8 17.00 -1.56 -8.44
C PHE A 8 16.00 -0.52 -7.95
N ASP A 9 15.51 0.27 -8.90
CA ASP A 9 14.51 1.31 -8.64
C ASP A 9 13.14 0.67 -8.74
N ILE A 10 12.63 0.21 -7.60
CA ILE A 10 11.31 -0.41 -7.52
C ILE A 10 10.37 0.63 -6.91
N PRO A 11 9.41 1.17 -7.64
CA PRO A 11 8.78 2.43 -7.22
C PRO A 11 7.61 2.30 -6.27
N PHE A 12 7.78 1.45 -5.26
CA PHE A 12 6.82 1.25 -4.18
C PHE A 12 7.57 1.32 -2.86
N PRO A 13 6.91 1.73 -1.79
CA PRO A 13 7.61 1.84 -0.51
C PRO A 13 7.95 0.48 0.07
N SER A 14 9.00 0.46 0.89
CA SER A 14 9.34 -0.71 1.67
CA SER A 14 9.34 -0.71 1.68
C SER A 14 8.38 -0.84 2.85
N ARG A 15 7.80 -2.02 3.02
CA ARG A 15 6.82 -2.24 4.07
C ARG A 15 7.00 -3.63 4.65
N VAL A 16 6.79 -3.75 5.95
CA VAL A 16 6.80 -5.05 6.60
CA VAL A 16 6.83 -5.03 6.65
C VAL A 16 5.63 -5.10 7.57
N ASN A 17 4.98 -6.26 7.61
CA ASN A 17 3.88 -6.46 8.55
C ASN A 17 4.32 -6.12 9.97
N PRO A 18 3.51 -5.37 10.74
CA PRO A 18 3.90 -5.04 12.11
C PRO A 18 4.06 -6.26 12.99
N PHE A 19 3.47 -7.40 12.64
CA PHE A 19 3.50 -8.59 13.46
C PHE A 19 4.54 -9.59 12.96
N HIS A 20 5.57 -9.09 12.26
CA HIS A 20 6.57 -9.98 11.67
CA HIS A 20 6.56 -9.99 11.68
C HIS A 20 7.29 -10.82 12.73
N ALA A 21 7.59 -10.23 13.89
CA ALA A 21 8.37 -10.97 14.88
C ALA A 21 7.59 -12.17 15.42
N ARG A 22 6.36 -11.93 15.87
CA ARG A 22 5.54 -13.06 16.29
C ARG A 22 5.27 -14.01 15.14
N ALA A 23 5.14 -13.49 13.91
CA ALA A 23 4.94 -14.38 12.77
C ALA A 23 6.10 -15.36 12.60
N GLU A 24 7.33 -14.89 12.82
CA GLU A 24 8.46 -15.81 12.73
C GLU A 24 8.34 -16.93 13.75
N ASP A 25 7.99 -16.60 15.00
CA ASP A 25 7.87 -17.66 16.02
C ASP A 25 6.80 -18.66 15.60
N ARG A 26 5.66 -18.17 15.12
CA ARG A 26 4.59 -19.11 14.76
C ARG A 26 5.00 -19.96 13.57
N HIS A 27 5.70 -19.35 12.62
CA HIS A 27 6.13 -20.08 11.43
C HIS A 27 7.18 -21.13 11.76
N VAL A 28 8.11 -20.80 12.62
CA VAL A 28 9.11 -21.78 13.04
C VAL A 28 8.43 -22.93 13.75
N ALA A 29 7.43 -22.63 14.57
CA ALA A 29 6.73 -23.69 15.27
C ALA A 29 6.03 -24.60 14.27
N TRP A 30 5.48 -24.03 13.20
CA TRP A 30 4.86 -24.87 12.16
C TRP A 30 5.91 -25.75 11.48
N MET A 31 7.06 -25.17 11.10
CA MET A 31 8.08 -25.97 10.43
C MET A 31 8.54 -27.12 11.32
N ARG A 32 8.64 -26.88 12.63
CA ARG A 32 9.04 -27.95 13.55
C ARG A 32 7.93 -28.99 13.71
N ALA A 33 6.68 -28.53 13.82
CA ALA A 33 5.57 -29.47 13.95
C ALA A 33 5.44 -30.34 12.71
N MET A 34 5.78 -29.81 11.54
CA MET A 34 5.69 -30.55 10.28
C MET A 34 6.95 -31.37 10.00
N GLY A 35 7.94 -31.32 10.88
CA GLY A 35 9.14 -32.12 10.68
C GLY A 35 10.08 -31.58 9.64
N LEU A 36 9.96 -30.32 9.26
CA LEU A 36 10.81 -29.75 8.23
C LEU A 36 12.02 -29.05 8.82
N ILE A 37 11.93 -28.67 10.09
CA ILE A 37 13.05 -28.18 10.89
C ILE A 37 13.14 -29.11 12.10
N THR A 38 14.32 -29.64 12.37
CA THR A 38 14.52 -30.53 13.50
C THR A 38 15.69 -30.03 14.34
N GLY A 39 15.40 -29.64 15.57
CA GLY A 39 16.45 -29.34 16.53
C GLY A 39 16.76 -27.85 16.60
N ASP A 40 17.43 -27.47 17.69
CA ASP A 40 17.66 -26.06 17.98
C ASP A 40 18.68 -25.44 17.04
N ALA A 41 19.74 -26.17 16.72
CA ALA A 41 20.77 -25.67 15.79
C ALA A 41 20.15 -25.32 14.44
N ALA A 42 19.36 -26.26 13.90
CA ALA A 42 18.72 -26.01 12.61
C ALA A 42 17.76 -24.83 12.71
N GLU A 43 16.99 -24.73 13.80
CA GLU A 43 16.09 -23.60 13.96
C GLU A 43 16.84 -22.29 13.98
N ALA A 44 17.98 -22.24 14.68
CA ALA A 44 18.73 -20.99 14.81
C ALA A 44 19.32 -20.59 13.46
N THR A 45 19.79 -21.57 12.69
CA THR A 45 20.30 -21.29 11.35
C THR A 45 19.19 -20.77 10.45
N TYR A 46 18.01 -21.39 10.55
CA TYR A 46 16.88 -21.02 9.72
C TYR A 46 16.45 -19.60 10.02
N ARG A 47 16.35 -19.25 11.30
CA ARG A 47 15.92 -17.92 11.68
C ARG A 47 16.85 -16.84 11.15
N ARG A 48 18.15 -17.17 10.98
CA ARG A 48 19.09 -16.17 10.48
C ARG A 48 18.74 -15.67 9.08
N TRP A 49 18.00 -16.46 8.30
CA TRP A 49 17.51 -16.06 6.98
C TRP A 49 16.39 -15.04 7.03
N SER A 50 15.80 -14.76 8.19
CA SER A 50 14.55 -14.01 8.28
C SER A 50 13.50 -14.66 7.37
N PRO A 51 13.22 -15.94 7.57
CA PRO A 51 12.42 -16.68 6.58
C PRO A 51 10.95 -16.30 6.54
N ALA A 52 10.40 -15.84 7.65
CA ALA A 52 9.02 -15.36 7.65
C ALA A 52 8.92 -13.91 7.21
N LYS A 53 10.06 -13.23 7.02
CA LYS A 53 9.99 -11.81 6.69
C LYS A 53 9.59 -11.60 5.24
N VAL A 54 9.85 -12.56 4.35
CA VAL A 54 9.37 -12.40 2.98
C VAL A 54 7.83 -12.39 2.95
N GLY A 55 7.19 -13.33 3.63
CA GLY A 55 5.74 -13.26 3.77
C GLY A 55 5.28 -11.99 4.46
N ALA A 56 6.03 -11.53 5.47
CA ALA A 56 5.62 -10.32 6.17
C ALA A 56 5.71 -9.07 5.28
N ARG A 57 6.64 -9.05 4.31
CA ARG A 57 6.73 -7.95 3.36
C ARG A 57 5.68 -8.05 2.27
N TRP A 58 5.42 -9.24 1.76
CA TRP A 58 4.38 -9.39 0.74
C TRP A 58 3.03 -9.04 1.32
N PHE A 59 2.78 -9.47 2.56
CA PHE A 59 1.44 -9.47 3.14
C PHE A 59 1.45 -8.54 4.35
N TYR A 60 1.74 -7.27 4.10
CA TYR A 60 2.10 -6.35 5.19
C TYR A 60 0.92 -5.92 6.05
N LEU A 61 -0.33 -6.24 5.69
CA LEU A 61 -1.48 -5.98 6.56
C LEU A 61 -2.22 -7.24 6.98
N ALA A 62 -1.78 -8.42 6.55
CA ALA A 62 -2.45 -9.65 6.97
C ALA A 62 -2.30 -9.90 8.46
N GLN A 63 -3.28 -10.60 9.03
CA GLN A 63 -3.22 -10.95 10.43
C GLN A 63 -3.61 -12.41 10.62
N GLY A 64 -3.19 -12.95 11.76
CA GLY A 64 -3.69 -14.23 12.17
C GLY A 64 -3.40 -15.31 11.17
N GLU A 65 -4.41 -16.15 10.92
CA GLU A 65 -4.19 -17.30 10.05
C GLU A 65 -3.86 -16.91 8.63
N ASP A 66 -4.31 -15.73 8.15
CA ASP A 66 -3.94 -15.31 6.80
C ASP A 66 -2.45 -15.03 6.73
N LEU A 67 -1.93 -14.32 7.71
CA LEU A 67 -0.49 -14.06 7.75
C LEU A 67 0.29 -15.36 7.91
N ASP A 68 -0.18 -16.26 8.77
CA ASP A 68 0.51 -17.55 8.98
C ASP A 68 0.61 -18.32 7.68
N LEU A 69 -0.47 -18.36 6.91
CA LEU A 69 -0.44 -19.07 5.63
C LEU A 69 0.58 -18.44 4.70
N GLY A 70 0.54 -17.13 4.56
CA GLY A 70 1.49 -16.47 3.68
C GLY A 70 2.93 -16.74 4.07
N CYS A 71 3.21 -16.75 5.38
CA CYS A 71 4.60 -17.00 5.80
C CYS A 71 4.98 -18.47 5.60
N ASP A 72 4.06 -19.38 5.93
CA ASP A 72 4.31 -20.80 5.82
C ASP A 72 4.59 -21.23 4.38
N ILE A 73 3.92 -20.61 3.40
CA ILE A 73 4.14 -21.01 2.01
C ILE A 73 5.61 -20.85 1.65
N PHE A 74 6.20 -19.70 2.02
CA PHE A 74 7.58 -19.44 1.67
C PHE A 74 8.54 -20.38 2.40
N GLY A 75 8.32 -20.63 3.69
CA GLY A 75 9.18 -21.58 4.40
C GLY A 75 9.13 -22.96 3.78
N TRP A 76 7.93 -23.40 3.41
CA TRP A 76 7.80 -24.70 2.76
C TRP A 76 8.55 -24.69 1.45
N PHE A 77 8.45 -23.59 0.72
CA PHE A 77 9.17 -23.50 -0.54
C PHE A 77 10.68 -23.71 -0.34
N PHE A 78 11.27 -23.04 0.66
CA PHE A 78 12.71 -23.20 0.87
C PHE A 78 13.04 -24.67 1.10
N ALA A 79 12.23 -25.36 1.91
CA ALA A 79 12.48 -26.77 2.22
C ALA A 79 12.27 -27.66 0.99
N TYR A 80 11.19 -27.39 0.23
CA TYR A 80 10.90 -28.15 -0.98
C TYR A 80 11.96 -27.90 -2.06
N ASP A 81 12.24 -26.62 -2.32
CA ASP A 81 13.25 -26.23 -3.31
C ASP A 81 14.61 -26.82 -2.98
N ASP A 82 15.04 -26.70 -1.72
CA ASP A 82 16.37 -27.20 -1.36
C ASP A 82 16.41 -28.72 -1.37
N HIS A 83 15.26 -29.37 -1.23
CA HIS A 83 15.20 -30.82 -1.35
C HIS A 83 15.74 -31.28 -2.71
N PHE A 84 15.47 -30.53 -3.77
CA PHE A 84 15.90 -30.92 -5.11
C PHE A 84 17.25 -30.34 -5.52
N ASP A 85 17.87 -29.52 -4.67
CA ASP A 85 19.30 -29.24 -4.81
C ASP A 85 20.16 -30.40 -4.32
N GLY A 86 19.55 -31.44 -3.74
CA GLY A 86 20.29 -32.55 -3.17
C GLY A 86 20.20 -33.83 -3.98
N THR A 95 12.20 -39.00 -8.04
CA THR A 95 11.73 -37.64 -8.20
C THR A 95 10.27 -37.63 -8.63
N ALA A 96 10.00 -38.20 -9.81
CA ALA A 96 8.64 -38.24 -10.31
C ALA A 96 7.72 -38.92 -9.31
N ALA A 97 8.17 -40.03 -8.71
CA ALA A 97 7.38 -40.65 -7.66
C ALA A 97 7.11 -39.65 -6.54
N PHE A 98 8.13 -38.85 -6.17
CA PHE A 98 7.97 -37.89 -5.09
C PHE A 98 7.07 -36.73 -5.52
N VAL A 99 7.43 -36.04 -6.60
CA VAL A 99 6.64 -34.91 -7.08
C VAL A 99 5.20 -35.34 -7.39
N ASN A 100 5.03 -36.55 -7.94
CA ASN A 100 3.68 -37.03 -8.22
C ASN A 100 2.87 -37.19 -6.94
N ARG A 101 3.54 -37.51 -5.83
CA ARG A 101 2.85 -37.52 -4.55
C ARG A 101 2.46 -36.12 -4.11
N THR A 102 3.33 -35.12 -4.33
CA THR A 102 2.95 -33.74 -4.00
C THR A 102 1.72 -33.33 -4.80
N VAL A 103 1.71 -33.63 -6.09
CA VAL A 103 0.58 -33.27 -6.95
C VAL A 103 -0.68 -33.99 -6.47
N ALA A 104 -0.53 -35.24 -6.04
CA ALA A 104 -1.67 -36.02 -5.55
C ALA A 104 -2.34 -35.35 -4.35
N MET A 105 -1.60 -34.52 -3.60
CA MET A 105 -2.18 -33.84 -2.44
C MET A 105 -3.14 -32.72 -2.84
N LEU A 106 -3.20 -32.35 -4.12
CA LEU A 106 -4.19 -31.38 -4.57
C LEU A 106 -5.58 -31.98 -4.68
N ASP A 107 -5.69 -33.29 -4.70
CA ASP A 107 -7.01 -33.90 -4.86
C ASP A 107 -7.88 -33.58 -3.65
N PRO A 108 -9.14 -33.19 -3.85
CA PRO A 108 -9.99 -32.87 -2.69
C PRO A 108 -10.08 -34.02 -1.68
N ARG A 109 -9.90 -35.25 -2.12
CA ARG A 109 -10.01 -36.41 -1.25
C ARG A 109 -8.66 -36.97 -0.84
N ALA A 110 -7.59 -36.24 -1.06
CA ALA A 110 -6.26 -36.74 -0.72
C ALA A 110 -6.17 -37.10 0.76
N ASP A 111 -5.42 -38.15 1.04
CA ASP A 111 -5.08 -38.55 2.42
C ASP A 111 -3.57 -38.39 2.61
N PRO A 112 -3.11 -37.43 3.41
CA PRO A 112 -1.66 -37.23 3.54
C PRO A 112 -0.99 -38.24 4.45
N THR A 113 -1.76 -39.09 5.13
CA THR A 113 -1.19 -40.02 6.08
C THR A 113 -0.12 -40.88 5.42
N GLY A 114 1.04 -40.97 6.08
CA GLY A 114 2.14 -41.77 5.58
C GLY A 114 2.93 -41.15 4.45
N GLU A 115 2.61 -39.93 4.04
CA GLU A 115 3.39 -39.29 2.99
C GLU A 115 4.66 -38.70 3.59
N HIS A 116 5.57 -38.33 2.71
CA HIS A 116 6.76 -37.61 3.15
C HIS A 116 6.36 -36.32 3.85
N PRO A 117 7.09 -35.88 4.89
CA PRO A 117 6.75 -34.62 5.56
C PRO A 117 6.56 -33.41 4.63
N LEU A 118 7.33 -33.31 3.54
CA LEU A 118 7.13 -32.19 2.62
C LEU A 118 5.76 -32.24 1.99
N ASN A 119 5.23 -33.44 1.76
CA ASN A 119 3.94 -33.59 1.12
C ASN A 119 2.80 -33.51 2.11
N ILE A 120 3.02 -33.92 3.36
CA ILE A 120 2.04 -33.64 4.41
C ILE A 120 1.91 -32.14 4.63
N ALA A 121 3.04 -31.43 4.67
CA ALA A 121 3.00 -29.98 4.83
C ALA A 121 2.32 -29.31 3.63
N PHE A 122 2.60 -29.77 2.42
CA PHE A 122 1.94 -29.18 1.26
C PHE A 122 0.44 -29.39 1.34
N HIS A 123 0.00 -30.58 1.73
CA HIS A 123 -1.42 -30.82 1.86
C HIS A 123 -2.05 -29.85 2.84
N ASP A 124 -1.37 -29.57 3.95
CA ASP A 124 -1.88 -28.62 4.93
C ASP A 124 -1.99 -27.23 4.35
N LEU A 125 -0.94 -26.79 3.65
CA LEU A 125 -0.95 -25.50 2.99
C LEU A 125 -2.10 -25.38 1.99
N TRP A 126 -2.28 -26.42 1.16
CA TRP A 126 -3.29 -26.33 0.11
C TRP A 126 -4.69 -26.29 0.72
N GLN A 127 -4.93 -27.08 1.77
CA GLN A 127 -6.25 -27.03 2.38
C GLN A 127 -6.55 -25.64 2.93
N ARG A 128 -5.57 -25.02 3.59
CA ARG A 128 -5.75 -23.67 4.14
C ARG A 128 -5.91 -22.65 3.02
N GLU A 129 -5.10 -22.78 1.95
CA GLU A 129 -5.12 -21.83 0.86
C GLU A 129 -6.43 -21.88 0.08
N SER A 130 -6.89 -23.10 -0.25
CA SER A 130 -7.98 -23.25 -1.20
C SER A 130 -9.35 -23.08 -0.57
N ALA A 131 -9.49 -23.33 0.73
CA ALA A 131 -10.83 -23.48 1.32
C ALA A 131 -11.74 -22.29 1.06
N PRO A 132 -11.33 -21.03 1.18
CA PRO A 132 -12.27 -19.91 1.01
C PRO A 132 -12.41 -19.39 -0.41
N MET A 133 -11.68 -19.96 -1.38
CA MET A 133 -11.65 -19.44 -2.73
C MET A 133 -12.69 -20.13 -3.63
N SER A 134 -13.05 -19.47 -4.73
CA SER A 134 -14.09 -19.99 -5.61
C SER A 134 -13.58 -21.16 -6.46
N PRO A 135 -14.51 -21.92 -7.06
CA PRO A 135 -14.11 -22.95 -8.03
C PRO A 135 -13.32 -22.41 -9.20
N LEU A 136 -13.58 -21.17 -9.62
CA LEU A 136 -12.78 -20.57 -10.71
C LEU A 136 -11.33 -20.39 -10.28
N TRP A 137 -11.12 -19.88 -9.08
CA TRP A 137 -9.75 -19.74 -8.57
C TRP A 137 -9.11 -21.11 -8.39
N GLN A 138 -9.88 -22.08 -7.87
CA GLN A 138 -9.27 -23.37 -7.58
C GLN A 138 -8.80 -24.08 -8.85
N ARG A 139 -9.54 -23.92 -9.96
CA ARG A 139 -9.13 -24.58 -11.20
C ARG A 139 -7.77 -24.08 -11.64
N ARG A 140 -7.60 -22.76 -11.70
CA ARG A 140 -6.32 -22.25 -12.16
C ARG A 140 -5.22 -22.47 -11.12
N ALA A 141 -5.58 -22.47 -9.84
CA ALA A 141 -4.59 -22.69 -8.79
C ALA A 141 -4.04 -24.10 -8.85
N VAL A 142 -4.90 -25.08 -9.17
CA VAL A 142 -4.44 -26.45 -9.33
C VAL A 142 -3.51 -26.56 -10.53
N ASP A 143 -3.86 -25.91 -11.64
CA ASP A 143 -2.98 -25.91 -12.82
C ASP A 143 -1.62 -25.32 -12.47
N HIS A 144 -1.62 -24.15 -11.83
CA HIS A 144 -0.37 -23.46 -11.56
C HIS A 144 0.49 -24.24 -10.59
N TRP A 145 -0.12 -24.85 -9.56
CA TRP A 145 0.65 -25.70 -8.66
C TRP A 145 1.25 -26.87 -9.41
N THR A 146 0.45 -27.50 -10.28
CA THR A 146 0.91 -28.70 -10.98
C THR A 146 2.08 -28.36 -11.89
N GLN A 147 2.03 -27.21 -12.57
CA GLN A 147 3.12 -26.82 -13.44
C GLN A 147 4.40 -26.56 -12.66
N TYR A 148 4.30 -25.92 -11.50
CA TYR A 148 5.47 -25.65 -10.69
C TYR A 148 6.09 -26.94 -10.15
N LEU A 149 5.25 -27.84 -9.66
CA LEU A 149 5.74 -29.09 -9.08
C LEU A 149 6.39 -29.98 -10.13
N THR A 150 5.69 -30.23 -11.25
CA THR A 150 6.23 -31.13 -12.27
C THR A 150 7.47 -30.57 -12.94
N ALA A 151 7.66 -29.25 -12.92
CA ALA A 151 8.86 -28.68 -13.52
C ALA A 151 10.13 -29.24 -12.89
N HIS A 152 10.10 -29.63 -11.62
N HIS A 152 10.01 -29.89 -11.73
CA HIS A 152 11.36 -30.03 -11.01
CA HIS A 152 11.11 -30.61 -11.09
C HIS A 152 12.05 -31.10 -11.82
C HIS A 152 11.30 -32.03 -11.62
N ILE A 153 11.30 -31.78 -12.69
N ILE A 153 10.23 -32.68 -12.12
CA ILE A 153 11.89 -32.77 -13.57
CA ILE A 153 10.42 -33.94 -12.84
C ILE A 153 12.69 -32.12 -14.69
C ILE A 153 11.15 -33.67 -14.15
N THR A 154 12.32 -30.91 -15.12
N THR A 154 10.70 -32.65 -14.89
CA THR A 154 13.06 -30.23 -16.18
CA THR A 154 11.41 -32.25 -16.10
C THR A 154 14.39 -29.67 -15.67
C THR A 154 12.88 -31.98 -15.81
N GLU A 155 14.40 -29.13 -14.46
N GLU A 155 13.19 -31.44 -14.62
CA GLU A 155 15.67 -28.73 -13.84
CA GLU A 155 14.57 -31.13 -14.30
C GLU A 155 16.55 -29.94 -13.60
C GLU A 155 15.37 -32.40 -14.03
N ALA A 156 15.95 -31.07 -13.21
N ALA A 156 14.83 -33.30 -13.20
CA ALA A 156 16.73 -32.27 -12.90
CA ALA A 156 15.52 -34.56 -12.93
C ALA A 156 17.37 -32.86 -14.14
C ALA A 156 15.75 -35.36 -14.21
N THR A 157 16.74 -32.68 -15.30
N THR A 157 14.91 -35.15 -15.21
CA THR A 157 17.36 -33.21 -16.52
CA THR A 157 15.13 -35.76 -16.51
C THR A 157 18.42 -32.26 -17.07
C THR A 157 16.21 -35.02 -17.32
N ASN A 158 18.18 -30.95 -17.01
N ASN A 158 16.31 -33.71 -17.14
CA ASN A 158 19.22 -29.99 -17.36
CA ASN A 158 17.21 -32.88 -17.94
C ASN A 158 20.51 -30.30 -16.61
C ASN A 158 18.52 -32.54 -17.24
N ARG A 159 20.40 -30.60 -15.32
N ARG A 159 18.49 -32.28 -15.93
CA ARG A 159 21.58 -30.92 -14.53
CA ARG A 159 19.69 -31.82 -15.22
C ARG A 159 22.26 -32.20 -15.01
C ARG A 159 20.84 -32.81 -15.29
N THR A 160 21.50 -33.15 -15.53
N THR A 160 20.59 -34.06 -15.68
CA THR A 160 22.07 -34.44 -15.93
CA THR A 160 21.65 -35.02 -15.92
C THR A 160 22.35 -34.49 -17.43
C THR A 160 22.12 -35.01 -17.37
N ARG A 161 21.32 -34.45 -18.27
CA ARG A 161 21.54 -34.52 -19.71
C ARG A 161 21.69 -33.13 -20.30
N SER A 164 22.83 -26.26 -20.55
CA SER A 164 22.32 -24.94 -20.25
C SER A 164 21.29 -24.52 -21.30
N PRO A 165 20.12 -24.03 -20.88
CA PRO A 165 19.10 -23.62 -21.85
C PRO A 165 19.43 -22.29 -22.51
N THR A 166 18.75 -22.03 -23.62
CA THR A 166 18.82 -20.71 -24.23
C THR A 166 18.16 -19.67 -23.33
N ILE A 167 18.47 -18.40 -23.58
CA ILE A 167 17.84 -17.30 -22.85
C ILE A 167 16.32 -17.40 -22.96
N ALA A 168 15.82 -17.63 -24.18
CA ALA A 168 14.38 -17.66 -24.41
C ALA A 168 13.74 -18.86 -23.70
N ASP A 169 14.38 -20.04 -23.80
CA ASP A 169 13.83 -21.21 -23.13
C ASP A 169 13.86 -21.04 -21.62
N TYR A 170 14.96 -20.50 -21.09
CA TYR A 170 15.05 -20.32 -19.66
C TYR A 170 13.96 -19.40 -19.16
N LEU A 171 13.73 -18.29 -19.86
CA LEU A 171 12.69 -17.36 -19.43
C LEU A 171 11.32 -18.02 -19.48
N GLU A 172 11.08 -18.84 -20.50
CA GLU A 172 9.79 -19.54 -20.59
C GLU A 172 9.64 -20.51 -19.43
N LEU A 173 10.70 -21.26 -19.11
CA LEU A 173 10.62 -22.21 -18.01
C LEU A 173 10.40 -21.49 -16.67
N ARG A 174 11.04 -20.34 -16.45
CA ARG A 174 10.85 -19.65 -15.17
C ARG A 174 9.41 -19.14 -15.00
N HIS A 175 8.78 -18.63 -16.07
CA HIS A 175 7.48 -17.97 -15.91
C HIS A 175 6.29 -18.85 -16.23
N ARG A 176 6.47 -19.94 -16.97
CA ARG A 176 5.39 -20.89 -17.19
C ARG A 176 5.34 -21.98 -16.13
N THR A 177 6.48 -22.32 -15.53
CA THR A 177 6.57 -23.50 -14.66
C THR A 177 7.29 -23.24 -13.35
N GLY A 178 7.57 -21.99 -13.00
CA GLY A 178 8.27 -21.67 -11.78
C GLY A 178 7.33 -21.49 -10.60
N PHE A 179 7.85 -20.84 -9.51
CA PHE A 179 7.03 -20.67 -8.30
C PHE A 179 6.16 -19.41 -8.30
N MET A 180 6.30 -18.55 -9.30
CA MET A 180 5.49 -17.34 -9.28
C MET A 180 4.02 -17.60 -9.63
N PRO A 181 3.66 -18.52 -10.53
CA PRO A 181 2.24 -18.71 -10.80
C PRO A 181 1.48 -19.13 -9.55
N PRO A 182 1.99 -20.08 -8.75
CA PRO A 182 1.34 -20.31 -7.44
C PRO A 182 1.36 -19.09 -6.52
N LEU A 183 2.46 -18.34 -6.44
CA LEU A 183 2.47 -17.20 -5.53
C LEU A 183 1.48 -16.09 -5.95
N LEU A 184 1.28 -15.90 -7.24
CA LEU A 184 0.28 -14.93 -7.69
C LEU A 184 -1.11 -15.34 -7.24
N ASP A 185 -1.46 -16.62 -7.35
CA ASP A 185 -2.75 -17.09 -6.86
C ASP A 185 -2.84 -16.89 -5.35
N LEU A 186 -1.74 -17.09 -4.64
CA LEU A 186 -1.71 -16.94 -3.19
C LEU A 186 -2.02 -15.52 -2.76
N ILE A 187 -1.60 -14.54 -3.53
CA ILE A 187 -1.87 -13.14 -3.21
C ILE A 187 -3.37 -12.94 -3.02
N GLU A 188 -4.17 -13.49 -3.95
CA GLU A 188 -5.62 -13.36 -3.85
C GLU A 188 -6.15 -13.99 -2.57
N ARG A 189 -5.60 -15.13 -2.17
CA ARG A 189 -6.04 -15.79 -0.95
C ARG A 189 -5.65 -14.99 0.31
N VAL A 190 -4.39 -14.57 0.41
CA VAL A 190 -3.94 -13.96 1.67
C VAL A 190 -4.57 -12.59 1.84
N TRP A 191 -4.73 -11.85 0.75
CA TRP A 191 -5.41 -10.54 0.81
C TRP A 191 -6.91 -10.66 0.83
N ARG A 192 -7.44 -11.88 0.65
CA ARG A 192 -8.88 -12.14 0.57
C ARG A 192 -9.53 -11.22 -0.47
N ALA A 193 -9.00 -11.33 -1.67
CA ALA A 193 -9.34 -10.45 -2.80
C ALA A 193 -9.13 -11.28 -4.07
N GLU A 194 -10.14 -12.05 -4.43
CA GLU A 194 -10.13 -12.81 -5.68
C GLU A 194 -10.35 -11.88 -6.86
N ILE A 195 -9.49 -12.00 -7.88
CA ILE A 195 -9.67 -11.19 -9.09
C ILE A 195 -10.92 -11.66 -9.83
N PRO A 196 -11.87 -10.78 -10.15
CA PRO A 196 -13.06 -11.19 -10.90
C PRO A 196 -12.68 -11.92 -12.19
N ALA A 197 -13.36 -13.03 -12.45
CA ALA A 197 -12.96 -13.84 -13.58
C ALA A 197 -13.04 -13.08 -14.90
N PRO A 198 -14.04 -12.21 -15.15
CA PRO A 198 -14.06 -11.49 -16.44
C PRO A 198 -12.85 -10.61 -16.65
N VAL A 199 -12.21 -10.09 -15.61
CA VAL A 199 -11.06 -9.23 -15.85
C VAL A 199 -9.75 -10.03 -15.77
N TYR A 200 -9.77 -11.22 -15.18
CA TYR A 200 -8.54 -11.99 -14.98
C TYR A 200 -7.87 -12.32 -16.31
N THR A 201 -8.66 -12.62 -17.33
CA THR A 201 -8.12 -13.02 -18.62
C THR A 201 -7.86 -11.87 -19.58
N THR A 202 -8.07 -10.62 -19.16
CA THR A 202 -7.82 -9.50 -20.06
C THR A 202 -6.32 -9.33 -20.32
N PRO A 203 -5.96 -8.75 -21.47
CA PRO A 203 -4.53 -8.48 -21.70
C PRO A 203 -3.90 -7.64 -20.60
N GLU A 204 -4.66 -6.68 -20.06
CA GLU A 204 -4.12 -5.82 -19.01
C GLU A 204 -3.76 -6.61 -17.77
N VAL A 205 -4.69 -7.42 -17.24
CA VAL A 205 -4.37 -8.16 -16.03
C VAL A 205 -3.34 -9.23 -16.32
N GLN A 206 -3.42 -9.90 -17.48
CA GLN A 206 -2.38 -10.86 -17.81
C GLN A 206 -1.00 -10.21 -17.90
N THR A 207 -0.93 -8.97 -18.37
CA THR A 207 0.36 -8.28 -18.43
C THR A 207 0.86 -7.97 -17.02
N LEU A 208 -0.05 -7.56 -16.13
CA LEU A 208 0.38 -7.32 -14.76
C LEU A 208 0.89 -8.60 -14.10
N LEU A 209 0.20 -9.72 -14.30
CA LEU A 209 0.64 -10.99 -13.77
C LEU A 209 2.00 -11.38 -14.34
N HIS A 210 2.16 -11.23 -15.65
CA HIS A 210 3.40 -11.66 -16.31
C HIS A 210 4.59 -10.82 -15.87
N THR A 211 4.41 -9.49 -15.79
CA THR A 211 5.50 -8.61 -15.40
C THR A 211 5.86 -8.81 -13.93
N THR A 212 4.87 -9.03 -13.06
CA THR A 212 5.17 -9.34 -11.66
C THR A 212 6.01 -10.62 -11.58
N ASN A 213 5.58 -11.65 -12.31
CA ASN A 213 6.28 -12.94 -12.36
C ASN A 213 7.74 -12.76 -12.77
N GLN A 214 7.97 -12.11 -13.92
CA GLN A 214 9.34 -12.03 -14.43
C GLN A 214 10.20 -11.09 -13.62
N ASN A 215 9.66 -9.95 -13.18
CA ASN A 215 10.44 -9.05 -12.34
C ASN A 215 10.96 -9.78 -11.12
N ILE A 216 10.08 -10.52 -10.43
CA ILE A 216 10.48 -11.20 -9.21
C ILE A 216 11.47 -12.31 -9.51
N ASN A 217 11.24 -13.09 -10.56
CA ASN A 217 12.18 -14.16 -10.95
C ASN A 217 13.57 -13.59 -11.16
N ILE A 218 13.67 -12.50 -11.92
CA ILE A 218 15.00 -12.07 -12.34
C ILE A 218 15.67 -11.20 -11.28
N VAL A 219 14.90 -10.43 -10.50
CA VAL A 219 15.48 -9.80 -9.32
C VAL A 219 16.05 -10.87 -8.39
N ASN A 220 15.32 -11.97 -8.19
CA ASN A 220 15.89 -13.06 -7.39
C ASN A 220 17.13 -13.63 -8.06
N ASP A 221 17.11 -13.84 -9.38
CA ASP A 221 18.31 -14.38 -10.04
C ASP A 221 19.52 -13.49 -9.77
N VAL A 222 19.36 -12.18 -9.87
CA VAL A 222 20.51 -11.29 -9.67
C VAL A 222 20.99 -11.39 -8.22
N LEU A 223 20.05 -11.36 -7.28
CA LEU A 223 20.42 -11.24 -5.88
C LEU A 223 20.76 -12.58 -5.25
N SER A 224 20.38 -13.71 -5.85
CA SER A 224 20.81 -15.02 -5.38
C SER A 224 21.93 -15.63 -6.23
N LEU A 225 22.53 -14.84 -7.13
CA LEU A 225 23.52 -15.35 -8.08
C LEU A 225 24.69 -16.01 -7.37
N GLU A 226 25.29 -15.31 -6.40
CA GLU A 226 26.47 -15.85 -5.74
C GLU A 226 26.17 -17.19 -5.07
N LYS A 227 25.01 -17.31 -4.42
CA LYS A 227 24.64 -18.58 -3.78
C LYS A 227 24.54 -19.69 -4.81
N GLU A 228 23.87 -19.43 -5.92
CA GLU A 228 23.64 -20.47 -6.91
C GLU A 228 24.94 -20.84 -7.63
N GLU A 229 25.80 -19.86 -7.90
CA GLU A 229 27.12 -20.13 -8.44
C GLU A 229 27.95 -21.01 -7.51
N ALA A 230 27.90 -20.72 -6.21
CA ALA A 230 28.67 -21.51 -5.24
C ALA A 230 28.17 -22.94 -5.17
N HIS A 231 26.89 -23.16 -5.43
CA HIS A 231 26.33 -24.50 -5.39
CA HIS A 231 26.33 -24.51 -5.41
C HIS A 231 26.44 -25.21 -6.74
N GLY A 232 26.83 -24.51 -7.80
CA GLY A 232 26.88 -25.11 -9.11
C GLY A 232 25.52 -25.25 -9.77
N ASP A 233 24.56 -24.40 -9.40
CA ASP A 233 23.25 -24.43 -10.03
C ASP A 233 23.28 -23.58 -11.29
N PRO A 234 23.05 -24.14 -12.48
CA PRO A 234 23.08 -23.34 -13.70
C PRO A 234 21.82 -22.54 -13.95
N HIS A 235 20.81 -22.69 -13.09
CA HIS A 235 19.49 -22.14 -13.36
C HIS A 235 19.45 -20.70 -12.83
N ASN A 236 20.02 -19.80 -13.63
CA ASN A 236 20.08 -18.39 -13.27
C ASN A 236 20.27 -17.60 -14.56
N LEU A 237 19.43 -16.58 -14.76
CA LEU A 237 19.46 -15.87 -16.04
C LEU A 237 20.84 -15.31 -16.33
N VAL A 238 21.54 -14.82 -15.31
CA VAL A 238 22.85 -14.22 -15.55
C VAL A 238 23.80 -15.23 -16.14
N LEU A 239 23.83 -16.44 -15.57
CA LEU A 239 24.67 -17.51 -16.08
C LEU A 239 24.21 -17.98 -17.46
N VAL A 240 22.90 -18.03 -17.67
CA VAL A 240 22.36 -18.46 -18.96
C VAL A 240 22.75 -17.46 -20.05
N ILE A 241 22.60 -16.17 -19.78
CA ILE A 241 23.03 -15.14 -20.74
C ILE A 241 24.51 -15.29 -21.05
N GLN A 242 25.34 -15.41 -20.01
CA GLN A 242 26.78 -15.49 -20.24
C GLN A 242 27.12 -16.67 -21.13
N HIS A 243 26.50 -17.81 -20.87
CA HIS A 243 26.80 -18.99 -21.68
C HIS A 243 26.35 -18.79 -23.11
N GLU A 244 25.16 -18.25 -23.32
CA GLU A 244 24.64 -18.16 -24.69
C GLU A 244 25.40 -17.12 -25.50
N ARG A 245 25.73 -15.98 -24.89
CA ARG A 245 26.33 -14.85 -25.58
C ARG A 245 27.83 -14.76 -25.38
N GLN A 246 28.42 -15.64 -24.57
CA GLN A 246 29.83 -15.55 -24.24
C GLN A 246 30.18 -14.15 -23.73
N SER A 247 29.31 -13.61 -22.88
CA SER A 247 29.45 -12.27 -22.38
C SER A 247 30.06 -12.29 -20.97
N THR A 248 30.53 -11.12 -20.56
CA THR A 248 31.11 -10.99 -19.22
C THR A 248 30.02 -10.95 -18.17
N ARG A 249 30.45 -11.10 -16.91
CA ARG A 249 29.53 -11.02 -15.80
C ARG A 249 28.80 -9.67 -15.79
N GLN A 250 29.55 -8.58 -15.97
CA GLN A 250 28.92 -7.26 -15.96
CA GLN A 250 28.92 -7.26 -15.96
C GLN A 250 27.96 -7.09 -17.11
N GLN A 251 28.33 -7.59 -18.29
CA GLN A 251 27.42 -7.48 -19.44
C GLN A 251 26.10 -8.18 -19.14
N ALA A 252 26.16 -9.38 -18.58
CA ALA A 252 24.97 -10.17 -18.32
C ALA A 252 24.13 -9.54 -17.20
N LEU A 253 24.78 -9.00 -16.17
CA LEU A 253 24.06 -8.27 -15.12
C LEU A 253 23.39 -7.04 -15.70
N ALA A 254 24.07 -6.34 -16.62
CA ALA A 254 23.45 -5.16 -17.21
C ALA A 254 22.24 -5.56 -18.06
N THR A 255 22.34 -6.70 -18.76
CA THR A 255 21.19 -7.19 -19.52
C THR A 255 20.03 -7.50 -18.59
N ALA A 256 20.30 -8.22 -17.49
CA ALA A 256 19.23 -8.51 -16.54
C ALA A 256 18.63 -7.21 -16.00
N ARG A 257 19.47 -6.23 -15.70
CA ARG A 257 19.00 -4.94 -15.20
C ARG A 257 18.03 -4.29 -16.16
N ARG A 258 18.39 -4.24 -17.44
CA ARG A 258 17.50 -3.63 -18.42
C ARG A 258 16.16 -4.38 -18.47
N MET A 259 16.19 -5.71 -18.36
CA MET A 259 14.97 -6.49 -18.40
C MET A 259 14.10 -6.19 -17.20
N ILE A 260 14.70 -6.17 -16.01
CA ILE A 260 13.97 -5.84 -14.79
C ILE A 260 13.32 -4.48 -14.93
N ASP A 261 14.08 -3.47 -15.38
CA ASP A 261 13.55 -2.12 -15.52
C ASP A 261 12.39 -2.07 -16.50
N GLU A 262 12.49 -2.82 -17.62
CA GLU A 262 11.42 -2.82 -18.60
C GLU A 262 10.14 -3.44 -18.03
N TRP A 263 10.27 -4.52 -17.28
CA TRP A 263 9.07 -5.12 -16.69
C TRP A 263 8.44 -4.21 -15.65
N THR A 264 9.27 -3.54 -14.84
CA THR A 264 8.74 -2.59 -13.86
C THR A 264 7.98 -1.49 -14.59
N ASP A 265 8.57 -0.94 -15.64
CA ASP A 265 7.93 0.11 -16.42
C ASP A 265 6.61 -0.37 -16.99
N THR A 266 6.58 -1.60 -17.53
CA THR A 266 5.37 -2.12 -18.13
C THR A 266 4.29 -2.26 -17.07
N PHE A 267 4.65 -2.73 -15.90
CA PHE A 267 3.67 -2.84 -14.81
C PHE A 267 3.04 -1.48 -14.52
N ILE A 268 3.86 -0.46 -14.21
CA ILE A 268 3.30 0.80 -13.74
C ILE A 268 2.58 1.55 -14.85
N ARG A 269 2.92 1.32 -16.12
CA ARG A 269 2.18 1.89 -17.25
C ARG A 269 0.85 1.22 -17.49
N THR A 270 0.68 -0.03 -17.03
CA THR A 270 -0.53 -0.81 -17.29
C THR A 270 -1.59 -0.62 -16.20
N GLU A 271 -1.17 -0.52 -14.95
CA GLU A 271 -2.10 -0.34 -13.84
CA GLU A 271 -2.13 -0.38 -13.86
C GLU A 271 -3.15 0.73 -14.09
N PRO A 272 -2.79 1.92 -14.61
CA PRO A 272 -3.81 2.98 -14.76
C PRO A 272 -4.93 2.65 -15.72
N ARG A 273 -4.80 1.60 -16.53
CA ARG A 273 -5.84 1.20 -17.45
C ARG A 273 -6.97 0.44 -16.77
N LEU A 274 -6.76 -0.01 -15.53
CA LEU A 274 -7.73 -0.93 -14.95
C LEU A 274 -9.12 -0.34 -14.67
N PRO A 275 -9.26 0.87 -14.14
CA PRO A 275 -10.61 1.34 -13.83
C PRO A 275 -11.48 1.45 -15.07
N ALA A 276 -10.92 1.98 -16.16
CA ALA A 276 -11.71 2.12 -17.39
C ALA A 276 -12.04 0.76 -17.97
N LEU A 277 -11.11 -0.19 -17.85
CA LEU A 277 -11.35 -1.55 -18.31
C LEU A 277 -12.50 -2.18 -17.54
N CYS A 278 -12.51 -1.99 -16.22
CA CYS A 278 -13.61 -2.49 -15.41
C CYS A 278 -14.93 -1.87 -15.83
N GLY A 279 -14.91 -0.58 -16.17
CA GLY A 279 -16.11 0.06 -16.67
C GLY A 279 -16.61 -0.56 -17.96
N ARG A 280 -15.70 -0.82 -18.90
CA ARG A 280 -16.13 -1.42 -20.16
C ARG A 280 -16.69 -2.82 -19.97
N LEU A 281 -16.21 -3.54 -18.96
CA LEU A 281 -16.67 -4.90 -18.70
C LEU A 281 -17.87 -4.94 -17.78
N GLY A 282 -18.30 -3.80 -17.25
CA GLY A 282 -19.48 -3.75 -16.41
C GLY A 282 -19.28 -4.31 -15.02
N ILE A 283 -18.06 -4.24 -14.50
CA ILE A 283 -17.73 -4.81 -13.20
C ILE A 283 -18.30 -3.92 -12.09
N PRO A 284 -19.09 -4.47 -11.16
CA PRO A 284 -19.54 -3.66 -10.01
C PRO A 284 -18.37 -3.09 -9.22
N LEU A 285 -18.59 -1.91 -8.61
CA LEU A 285 -17.51 -1.23 -7.89
C LEU A 285 -16.89 -2.11 -6.81
N ALA A 286 -17.71 -2.87 -6.08
CA ALA A 286 -17.16 -3.68 -4.99
C ALA A 286 -16.18 -4.73 -5.53
N ASP A 287 -16.50 -5.33 -6.67
CA ASP A 287 -15.61 -6.28 -7.30
C ASP A 287 -14.36 -5.62 -7.85
N ARG A 288 -14.49 -4.37 -8.31
CA ARG A 288 -13.28 -3.66 -8.71
C ARG A 288 -12.32 -3.56 -7.55
N THR A 289 -12.83 -3.31 -6.33
CA THR A 289 -11.90 -3.17 -5.21
CA THR A 289 -11.90 -3.17 -5.21
C THR A 289 -11.15 -4.47 -4.94
N SER A 290 -11.75 -5.63 -5.22
CA SER A 290 -11.00 -6.88 -5.13
CA SER A 290 -11.00 -6.88 -5.13
C SER A 290 -9.83 -6.89 -6.11
N LEU A 291 -10.06 -6.45 -7.33
CA LEU A 291 -8.97 -6.36 -8.31
C LEU A 291 -7.90 -5.40 -7.84
N TYR A 292 -8.29 -4.21 -7.35
CA TYR A 292 -7.30 -3.23 -6.91
C TYR A 292 -6.51 -3.76 -5.74
N THR A 293 -7.14 -4.57 -4.88
CA THR A 293 -6.41 -5.11 -3.75
C THR A 293 -5.40 -6.16 -4.20
N ALA A 294 -5.77 -7.02 -5.13
CA ALA A 294 -4.82 -7.99 -5.67
C ALA A 294 -3.65 -7.29 -6.35
N VAL A 295 -3.93 -6.19 -7.07
CA VAL A 295 -2.86 -5.43 -7.72
C VAL A 295 -1.94 -4.77 -6.69
N GLU A 296 -2.51 -4.26 -5.60
CA GLU A 296 -1.65 -3.81 -4.50
C GLU A 296 -0.80 -4.96 -3.98
N GLY A 297 -1.36 -6.17 -3.90
CA GLY A 297 -0.59 -7.33 -3.49
C GLY A 297 0.56 -7.58 -4.43
N MET A 298 0.33 -7.37 -5.73
CA MET A 298 1.44 -7.53 -6.67
C MET A 298 2.53 -6.48 -6.44
N ARG A 299 2.16 -5.22 -6.23
CA ARG A 299 3.12 -4.18 -5.89
C ARG A 299 3.95 -4.57 -4.68
N ALA A 300 3.27 -5.01 -3.62
CA ALA A 300 3.95 -5.41 -2.38
C ALA A 300 4.85 -6.61 -2.60
N ALA A 301 4.46 -7.52 -3.48
CA ALA A 301 5.28 -8.67 -3.83
C ALA A 301 6.54 -8.24 -4.56
N ILE A 302 6.42 -7.36 -5.55
CA ILE A 302 7.60 -6.92 -6.31
C ILE A 302 8.60 -6.24 -5.37
N ARG A 303 8.11 -5.31 -4.55
CA ARG A 303 8.98 -4.59 -3.65
C ARG A 303 9.46 -5.50 -2.53
N GLY A 304 8.57 -6.32 -1.96
CA GLY A 304 8.96 -7.19 -0.87
C GLY A 304 9.99 -8.21 -1.29
N ASN A 305 9.86 -8.75 -2.51
CA ASN A 305 10.89 -9.65 -3.03
C ASN A 305 12.23 -8.95 -3.10
N TYR A 306 12.24 -7.72 -3.60
CA TYR A 306 13.50 -6.99 -3.74
C TYR A 306 14.12 -6.74 -2.35
N ASP A 307 13.32 -6.21 -1.41
CA ASP A 307 13.88 -5.87 -0.12
C ASP A 307 14.33 -7.12 0.63
N TRP A 308 13.57 -8.21 0.53
CA TRP A 308 13.95 -9.44 1.22
C TRP A 308 15.18 -10.09 0.59
N CYS A 309 15.21 -10.21 -0.73
CA CYS A 309 16.38 -10.80 -1.36
C CYS A 309 17.63 -9.99 -1.06
N ALA A 310 17.48 -8.67 -0.94
CA ALA A 310 18.63 -7.83 -0.64
C ALA A 310 19.13 -8.05 0.80
N GLU A 311 18.22 -8.31 1.75
CA GLU A 311 18.58 -8.35 3.17
C GLU A 311 18.89 -9.77 3.68
N THR A 312 18.35 -10.81 3.06
CA THR A 312 18.38 -12.13 3.68
C THR A 312 19.76 -12.78 3.66
N ASN A 313 20.14 -13.36 4.80
CA ASN A 313 21.37 -14.13 4.90
CA ASN A 313 21.38 -14.10 4.87
C ASN A 313 21.34 -15.38 4.02
N ARG A 314 20.15 -15.81 3.58
CA ARG A 314 20.10 -16.94 2.66
C ARG A 314 20.99 -16.68 1.44
N TYR A 315 21.05 -15.42 0.98
CA TYR A 315 21.86 -15.04 -0.20
C TYR A 315 23.12 -14.31 0.19
N VAL A 317 25.22 -13.98 2.46
CA VAL A 317 26.34 -14.72 3.04
C VAL A 317 27.38 -15.09 1.96
N HIS A 318 26.88 -15.37 0.76
CA HIS A 318 27.71 -15.73 -0.38
C HIS A 318 28.20 -14.53 -1.20
N ARG A 319 27.85 -13.31 -0.80
CA ARG A 319 28.29 -12.13 -1.55
C ARG A 319 29.68 -11.70 -1.09
N THR A 328 23.07 -24.45 6.37
CA THR A 328 21.90 -25.21 5.94
C THR A 328 21.11 -25.72 7.15
N PRO A 329 19.80 -25.44 7.21
CA PRO A 329 18.99 -25.97 8.30
C PRO A 329 18.29 -27.29 8.02
N TRP A 330 18.56 -27.95 6.90
CA TRP A 330 17.83 -29.17 6.56
C TRP A 330 18.69 -30.40 6.83
N GLY B 4 -25.88 3.47 0.97
CA GLY B 4 -26.75 4.62 1.21
C GLY B 4 -26.05 5.95 1.02
N HIS B 5 -24.99 5.94 0.21
CA HIS B 5 -24.22 7.14 -0.05
C HIS B 5 -23.71 7.06 -1.48
N GLU B 6 -23.33 8.22 -2.01
CA GLU B 6 -22.68 8.24 -3.32
C GLU B 6 -21.41 7.39 -3.30
N GLU B 7 -21.26 6.57 -4.33
CA GLU B 7 -20.11 5.67 -4.45
C GLU B 7 -19.20 6.11 -5.58
N PHE B 8 -17.91 6.04 -5.31
CA PHE B 8 -16.88 6.43 -6.26
C PHE B 8 -15.89 5.29 -6.43
N ASP B 9 -15.37 5.18 -7.65
CA ASP B 9 -14.37 4.17 -8.03
C ASP B 9 -13.00 4.76 -7.70
N ILE B 10 -12.50 4.47 -6.51
CA ILE B 10 -11.19 4.91 -6.07
C ILE B 10 -10.27 3.70 -6.12
N PRO B 11 -9.30 3.66 -7.02
CA PRO B 11 -8.67 2.39 -7.42
C PRO B 11 -7.51 1.92 -6.54
N PHE B 12 -7.72 2.05 -5.24
CA PHE B 12 -6.78 1.61 -4.24
C PHE B 12 -7.55 0.78 -3.21
N PRO B 13 -6.90 -0.16 -2.53
CA PRO B 13 -7.64 -0.98 -1.56
C PRO B 13 -7.99 -0.19 -0.31
N SER B 14 -9.06 -0.64 0.35
CA SER B 14 -9.44 -0.14 1.66
CA SER B 14 -9.44 -0.14 1.66
C SER B 14 -8.51 -0.74 2.71
N ARG B 15 -7.91 0.11 3.55
CA ARG B 15 -6.95 -0.33 4.55
C ARG B 15 -7.16 0.47 5.84
N VAL B 16 -7.00 -0.21 6.96
CA VAL B 16 -7.06 0.42 8.27
CA VAL B 16 -7.03 0.44 8.26
C VAL B 16 -5.88 -0.09 9.09
N ASN B 17 -5.21 0.83 9.79
CA ASN B 17 -4.14 0.45 10.70
C ASN B 17 -4.62 -0.64 11.66
N PRO B 18 -3.83 -1.70 11.87
CA PRO B 18 -4.23 -2.78 12.78
C PRO B 18 -4.46 -2.30 14.19
N PHE B 19 -3.87 -1.16 14.57
CA PHE B 19 -3.93 -0.67 15.94
C PHE B 19 -4.97 0.44 16.10
N HIS B 20 -5.97 0.47 15.20
CA HIS B 20 -6.97 1.53 15.23
CA HIS B 20 -6.95 1.54 15.25
C HIS B 20 -7.69 1.61 16.58
N ALA B 21 -8.05 0.46 17.16
CA ALA B 21 -8.84 0.48 18.39
C ALA B 21 -8.07 1.14 19.52
N ARG B 22 -6.86 0.67 19.79
CA ARG B 22 -6.06 1.32 20.80
C ARG B 22 -5.77 2.76 20.45
N ALA B 23 -5.60 3.08 19.15
CA ALA B 23 -5.36 4.47 18.77
C ALA B 23 -6.52 5.38 19.14
N GLU B 24 -7.75 4.88 19.03
CA GLU B 24 -8.88 5.67 19.45
C GLU B 24 -8.80 5.99 20.95
N ASP B 25 -8.49 4.99 21.77
CA ASP B 25 -8.40 5.23 23.21
C ASP B 25 -7.33 6.28 23.51
N ARG B 26 -6.17 6.17 22.87
CA ARG B 26 -5.09 7.14 23.13
C ARG B 26 -5.49 8.52 22.65
N HIS B 27 -6.14 8.59 21.50
CA HIS B 27 -6.56 9.88 20.96
C HIS B 27 -7.62 10.54 21.82
N VAL B 28 -8.61 9.77 22.29
CA VAL B 28 -9.62 10.34 23.18
C VAL B 28 -8.97 10.85 24.45
N ALA B 29 -7.99 10.11 24.96
CA ALA B 29 -7.32 10.56 26.17
C ALA B 29 -6.61 11.89 25.92
N TRP B 30 -6.01 12.05 24.74
CA TRP B 30 -5.37 13.32 24.41
C TRP B 30 -6.39 14.44 24.32
N MET B 31 -7.53 14.19 23.66
CA MET B 31 -8.56 15.21 23.55
C MET B 31 -9.06 15.63 24.93
N ARG B 32 -9.15 14.68 25.87
CA ARG B 32 -9.61 15.02 27.22
C ARG B 32 -8.52 15.77 27.97
N ALA B 33 -7.26 15.34 27.84
CA ALA B 33 -6.16 16.02 28.51
C ALA B 33 -6.02 17.46 28.01
N MET B 34 -6.34 17.70 26.74
CA MET B 34 -6.24 19.04 26.15
C MET B 34 -7.48 19.89 26.39
N GLY B 35 -8.50 19.35 27.05
CA GLY B 35 -9.70 20.13 27.30
C GLY B 35 -10.61 20.33 26.11
N LEU B 36 -10.47 19.51 25.06
CA LEU B 36 -11.30 19.61 23.87
C LEU B 36 -12.51 18.69 23.93
N ILE B 37 -12.46 17.68 24.80
CA ILE B 37 -13.59 16.80 25.10
C ILE B 37 -13.71 16.83 26.61
N THR B 38 -14.92 17.14 27.11
CA THR B 38 -15.17 17.24 28.54
C THR B 38 -16.35 16.33 28.90
N GLY B 39 -16.07 15.30 29.66
CA GLY B 39 -17.11 14.49 30.27
C GLY B 39 -17.42 13.25 29.44
N ASP B 40 -18.09 12.29 30.10
CA ASP B 40 -18.33 10.98 29.51
C ASP B 40 -19.31 11.04 28.35
N ALA B 41 -20.37 11.85 28.46
CA ALA B 41 -21.35 11.94 27.39
C ALA B 41 -20.69 12.44 26.11
N ALA B 42 -19.93 13.54 26.22
CA ALA B 42 -19.22 14.08 25.08
C ALA B 42 -18.28 13.04 24.48
N GLU B 43 -17.55 12.29 25.34
CA GLU B 43 -16.63 11.29 24.83
C GLU B 43 -17.38 10.22 24.06
N ALA B 44 -18.53 9.80 24.59
CA ALA B 44 -19.28 8.73 23.95
C ALA B 44 -19.82 9.20 22.60
N THR B 45 -20.27 10.45 22.53
CA THR B 45 -20.75 11.00 21.28
C THR B 45 -19.62 11.09 20.26
N TYR B 46 -18.46 11.54 20.72
CA TYR B 46 -17.30 11.70 19.85
C TYR B 46 -16.87 10.36 19.27
N ARG B 47 -16.79 9.33 20.13
CA ARG B 47 -16.35 8.02 19.67
C ARG B 47 -17.27 7.47 18.60
N ARG B 48 -18.54 7.86 18.61
CA ARG B 48 -19.48 7.33 17.63
C ARG B 48 -19.09 7.73 16.20
N TRP B 49 -18.33 8.81 16.06
CA TRP B 49 -17.83 9.26 14.76
C TRP B 49 -16.70 8.41 14.22
N SER B 50 -16.14 7.50 15.01
CA SER B 50 -14.88 6.83 14.67
C SER B 50 -13.79 7.87 14.34
N PRO B 51 -13.52 8.79 15.25
CA PRO B 51 -12.73 9.97 14.89
C PRO B 51 -11.25 9.68 14.68
N ALA B 52 -10.70 8.64 15.31
CA ALA B 52 -9.32 8.23 15.06
C ALA B 52 -9.19 7.33 13.85
N LYS B 53 -10.32 6.88 13.29
CA LYS B 53 -10.26 5.93 12.19
C LYS B 53 -9.84 6.62 10.91
N VAL B 54 -10.08 7.92 10.76
CA VAL B 54 -9.57 8.58 9.56
C VAL B 54 -8.04 8.59 9.56
N GLY B 55 -7.40 8.94 10.68
CA GLY B 55 -5.95 8.80 10.78
C GLY B 55 -5.50 7.35 10.59
N ALA B 56 -6.26 6.40 11.13
CA ALA B 56 -5.90 4.99 11.00
C ALA B 56 -5.93 4.53 9.54
N ARG B 57 -6.85 5.06 8.72
CA ARG B 57 -6.89 4.70 7.32
C ARG B 57 -5.80 5.42 6.51
N TRP B 58 -5.58 6.70 6.79
CA TRP B 58 -4.53 7.41 6.07
C TRP B 58 -3.17 6.78 6.36
N PHE B 59 -2.94 6.41 7.61
CA PHE B 59 -1.62 6.04 8.08
C PHE B 59 -1.66 4.59 8.55
N TYR B 60 -1.92 3.69 7.61
CA TYR B 60 -2.30 2.33 7.93
C TYR B 60 -1.15 1.46 8.44
N LEU B 61 0.11 1.94 8.35
CA LEU B 61 1.27 1.23 8.91
C LEU B 61 1.97 2.00 10.01
N ALA B 62 1.51 3.21 10.35
CA ALA B 62 2.17 3.96 11.40
C ALA B 62 2.00 3.29 12.77
N GLN B 63 2.98 3.49 13.64
CA GLN B 63 2.87 2.96 14.99
C GLN B 63 3.24 4.03 16.01
N GLY B 64 2.80 3.79 17.26
CA GLY B 64 3.26 4.59 18.37
C GLY B 64 2.96 6.07 18.17
N GLU B 65 3.97 6.88 18.48
CA GLU B 65 3.78 8.33 18.42
C GLU B 65 3.50 8.84 17.02
N ASP B 66 3.98 8.18 15.97
CA ASP B 66 3.62 8.62 14.63
C ASP B 66 2.13 8.43 14.36
N LEU B 67 1.58 7.28 14.74
CA LEU B 67 0.15 7.07 14.59
C LEU B 67 -0.64 8.03 15.46
N ASP B 68 -0.19 8.24 16.70
CA ASP B 68 -0.91 9.16 17.59
C ASP B 68 -0.98 10.56 16.99
N LEU B 69 0.13 11.04 16.42
CA LEU B 69 0.12 12.36 15.81
C LEU B 69 -0.86 12.41 14.64
N GLY B 70 -0.83 11.41 13.76
CA GLY B 70 -1.75 11.38 12.65
C GLY B 70 -3.19 11.41 13.09
N CYS B 71 -3.53 10.65 14.13
CA CYS B 71 -4.92 10.63 14.61
C CYS B 71 -5.28 11.96 15.29
N ASP B 72 -4.38 12.48 16.12
CA ASP B 72 -4.66 13.70 16.87
C ASP B 72 -4.90 14.89 15.93
N ILE B 73 -4.20 14.95 14.80
CA ILE B 73 -4.39 16.09 13.89
C ILE B 73 -5.86 16.17 13.46
N PHE B 74 -6.44 15.04 13.06
CA PHE B 74 -7.81 15.06 12.58
C PHE B 74 -8.79 15.39 13.70
N GLY B 75 -8.57 14.85 14.89
CA GLY B 75 -9.45 15.20 16.00
C GLY B 75 -9.42 16.66 16.35
N TRP B 76 -8.22 17.24 16.36
CA TRP B 76 -8.09 18.67 16.58
C TRP B 76 -8.80 19.43 15.48
N PHE B 77 -8.68 18.98 14.24
CA PHE B 77 -9.38 19.64 13.15
C PHE B 77 -10.88 19.70 13.41
N PHE B 78 -11.51 18.58 13.81
CA PHE B 78 -12.95 18.61 14.06
C PHE B 78 -13.28 19.67 15.09
N ALA B 79 -12.50 19.72 16.16
CA ALA B 79 -12.76 20.69 17.22
C ALA B 79 -12.54 22.12 16.74
N TYR B 80 -11.46 22.34 15.98
CA TYR B 80 -11.15 23.69 15.49
C TYR B 80 -12.17 24.11 14.43
N ASP B 81 -12.43 23.23 13.48
CA ASP B 81 -13.40 23.49 12.41
C ASP B 81 -14.76 23.84 13.00
N ASP B 82 -15.24 23.00 13.93
CA ASP B 82 -16.56 23.19 14.50
C ASP B 82 -16.63 24.44 15.37
N HIS B 83 -15.48 24.86 15.91
CA HIS B 83 -15.41 26.12 16.64
C HIS B 83 -15.90 27.29 15.78
N PHE B 84 -15.56 27.30 14.50
CA PHE B 84 -15.97 28.40 13.64
C PHE B 84 -17.31 28.17 12.95
N ASP B 85 -17.93 27.02 13.15
CA ASP B 85 -19.36 26.88 12.85
C ASP B 85 -20.21 27.54 13.92
N GLY B 86 -19.61 28.03 14.99
CA GLY B 86 -20.33 28.64 16.10
C GLY B 86 -20.48 30.14 15.94
N THR B 95 -12.43 36.55 15.85
CA THR B 95 -11.95 35.53 14.93
C THR B 95 -10.51 35.79 14.53
N ALA B 96 -10.22 37.03 14.11
CA ALA B 96 -8.86 37.38 13.75
C ALA B 96 -7.94 37.28 14.96
N ALA B 97 -8.39 37.81 16.10
CA ALA B 97 -7.60 37.68 17.31
C ALA B 97 -7.32 36.22 17.63
N PHE B 98 -8.34 35.37 17.44
CA PHE B 98 -8.20 33.96 17.78
C PHE B 98 -7.24 33.26 16.83
N VAL B 99 -7.50 33.37 15.53
CA VAL B 99 -6.67 32.68 14.53
C VAL B 99 -5.24 33.20 14.58
N ASN B 100 -5.07 34.49 14.87
CA ASN B 100 -3.72 35.04 14.97
C ASN B 100 -2.95 34.40 16.12
N ARG B 101 -3.66 34.02 17.19
CA ARG B 101 -3.00 33.27 18.25
C ARG B 101 -2.60 31.87 17.76
N THR B 102 -3.47 31.20 17.00
CA THR B 102 -3.09 29.89 16.45
C THR B 102 -1.83 30.00 15.60
N VAL B 103 -1.79 31.02 14.73
CA VAL B 103 -0.63 31.23 13.86
C VAL B 103 0.61 31.51 14.70
N ALA B 104 0.44 32.26 15.79
CA ALA B 104 1.58 32.60 16.64
C ALA B 104 2.21 31.35 17.25
N MET B 105 1.46 30.26 17.39
CA MET B 105 2.00 29.03 17.97
C MET B 105 2.97 28.34 17.03
N LEU B 106 3.08 28.78 15.77
CA LEU B 106 4.06 28.21 14.86
C LEU B 106 5.47 28.69 15.15
N ASP B 107 5.61 29.78 15.85
CA ASP B 107 6.94 30.31 16.10
C ASP B 107 7.63 29.47 17.16
N PRO B 108 8.90 29.10 16.97
CA PRO B 108 9.57 28.26 17.98
C PRO B 108 9.61 28.87 19.35
N ARG B 109 9.50 30.19 19.46
CA ARG B 109 9.58 30.89 20.72
C ARG B 109 8.23 31.03 21.42
N ALA B 110 7.16 30.51 20.82
CA ALA B 110 5.84 30.72 21.38
C ALA B 110 5.71 30.06 22.75
N ASP B 111 4.93 30.69 23.61
CA ASP B 111 4.56 30.16 24.91
C ASP B 111 3.07 29.89 24.92
N PRO B 112 2.61 28.63 24.93
CA PRO B 112 1.17 28.37 24.87
C PRO B 112 0.45 28.64 26.16
N THR B 113 1.18 28.91 27.24
CA THR B 113 0.57 29.13 28.54
C THR B 113 -0.48 30.23 28.46
N GLY B 114 -1.67 29.94 29.00
CA GLY B 114 -2.74 30.91 29.00
C GLY B 114 -3.47 31.07 27.69
N GLU B 115 -3.12 30.33 26.65
CA GLU B 115 -3.87 30.40 25.42
C GLU B 115 -5.14 29.55 25.50
N HIS B 116 -6.01 29.72 24.51
CA HIS B 116 -7.22 28.93 24.42
C HIS B 116 -6.83 27.45 24.24
N PRO B 117 -7.59 26.51 24.82
CA PRO B 117 -7.25 25.08 24.65
C PRO B 117 -6.99 24.65 23.22
N LEU B 118 -7.74 25.18 22.25
CA LEU B 118 -7.50 24.84 20.85
C LEU B 118 -6.10 25.24 20.39
N ASN B 119 -5.58 26.35 20.91
CA ASN B 119 -4.27 26.80 20.50
C ASN B 119 -3.17 26.15 21.30
N ILE B 120 -3.42 25.80 22.56
CA ILE B 120 -2.48 24.97 23.29
C ILE B 120 -2.32 23.62 22.59
N ALA B 121 -3.44 23.04 22.17
CA ALA B 121 -3.40 21.76 21.47
C ALA B 121 -2.69 21.87 20.14
N PHE B 122 -2.96 22.95 19.39
CA PHE B 122 -2.24 23.14 18.13
C PHE B 122 -0.74 23.26 18.37
N HIS B 123 -0.34 24.00 19.40
CA HIS B 123 1.07 24.11 19.71
C HIS B 123 1.68 22.73 19.95
N ASP B 124 0.97 21.87 20.66
CA ASP B 124 1.46 20.52 20.91
C ASP B 124 1.60 19.74 19.62
N LEU B 125 0.58 19.79 18.77
CA LEU B 125 0.62 19.13 17.48
C LEU B 125 1.82 19.60 16.66
N TRP B 126 2.04 20.91 16.59
CA TRP B 126 3.08 21.44 15.73
C TRP B 126 4.46 21.06 16.25
N GLN B 127 4.66 21.06 17.57
CA GLN B 127 5.94 20.62 18.12
C GLN B 127 6.26 19.19 17.70
N ARG B 128 5.26 18.31 17.82
CA ARG B 128 5.42 16.91 17.45
C ARG B 128 5.59 16.74 15.96
N GLU B 129 4.82 17.49 15.17
CA GLU B 129 4.88 17.36 13.71
C GLU B 129 6.21 17.84 13.16
N SER B 130 6.72 18.96 13.67
CA SER B 130 7.86 19.59 13.03
C SER B 130 9.20 19.04 13.53
N ALA B 131 9.24 18.39 14.68
CA ALA B 131 10.52 18.14 15.34
C ALA B 131 11.49 17.34 14.46
N PRO B 132 11.08 16.29 13.74
CA PRO B 132 12.06 15.52 12.96
C PRO B 132 12.22 15.96 11.51
N MET B 133 11.56 17.05 11.08
CA MET B 133 11.54 17.42 9.67
C MET B 133 12.61 18.46 9.34
N SER B 134 13.00 18.49 8.06
CA SER B 134 14.03 19.43 7.64
C SER B 134 13.55 20.87 7.75
N PRO B 135 14.50 21.83 7.82
CA PRO B 135 14.08 23.24 7.78
C PRO B 135 13.30 23.60 6.52
N LEU B 136 13.69 23.04 5.37
CA LEU B 136 12.94 23.25 4.14
C LEU B 136 11.48 22.82 4.29
N TRP B 137 11.25 21.61 4.80
CA TRP B 137 9.87 21.18 5.01
C TRP B 137 9.16 22.11 5.99
N GLN B 138 9.85 22.53 7.05
CA GLN B 138 9.21 23.38 8.06
C GLN B 138 8.78 24.72 7.46
N ARG B 139 9.58 25.29 6.55
CA ARG B 139 9.19 26.56 5.96
C ARG B 139 7.91 26.42 5.15
N ARG B 140 7.81 25.38 4.34
CA ARG B 140 6.57 25.25 3.57
C ARG B 140 5.41 24.81 4.46
N ALA B 141 5.69 24.05 5.51
CA ALA B 141 4.62 23.65 6.41
C ALA B 141 4.06 24.84 7.18
N VAL B 142 4.92 25.78 7.59
CA VAL B 142 4.45 26.98 8.26
C VAL B 142 3.57 27.79 7.31
N ASP B 143 3.98 27.89 6.05
CA ASP B 143 3.17 28.61 5.07
C ASP B 143 1.80 27.96 4.89
N HIS B 144 1.78 26.64 4.71
CA HIS B 144 0.53 25.95 4.49
C HIS B 144 -0.38 26.04 5.71
N TRP B 145 0.17 25.90 6.91
CA TRP B 145 -0.65 26.07 8.11
C TRP B 145 -1.22 27.48 8.17
N THR B 146 -0.38 28.49 7.92
CA THR B 146 -0.83 29.87 8.01
C THR B 146 -1.96 30.13 7.03
N GLN B 147 -1.88 29.58 5.82
CA GLN B 147 -2.93 29.81 4.85
C GLN B 147 -4.25 29.14 5.27
N TYR B 148 -4.18 27.92 5.82
CA TYR B 148 -5.38 27.23 6.28
C TYR B 148 -6.00 27.99 7.45
N LEU B 149 -5.18 28.44 8.39
CA LEU B 149 -5.69 29.10 9.58
C LEU B 149 -6.31 30.45 9.25
N THR B 150 -5.61 31.28 8.47
CA THR B 150 -6.11 32.62 8.20
C THR B 150 -7.31 32.62 7.28
N ALA B 151 -7.54 31.54 6.53
CA ALA B 151 -8.70 31.48 5.68
C ALA B 151 -9.99 31.57 6.49
N HIS B 152 -9.98 31.09 7.73
N HIS B 152 -9.89 31.35 7.81
CA HIS B 152 -11.24 31.06 8.47
CA HIS B 152 -11.01 31.55 8.73
C HIS B 152 -11.91 32.42 8.46
C HIS B 152 -11.24 33.02 9.07
N ILE B 153 -11.15 33.47 8.16
N ILE B 153 -10.18 33.83 9.15
CA ILE B 153 -11.68 34.81 8.05
CA ILE B 153 -10.37 35.27 9.27
C ILE B 153 -12.46 35.00 6.75
C ILE B 153 -11.12 35.80 8.05
N THR B 154 -12.09 34.30 5.68
N THR B 154 -10.72 35.35 6.87
CA THR B 154 -12.85 34.40 4.44
CA THR B 154 -11.36 35.79 5.63
C THR B 154 -14.13 33.57 4.48
C THR B 154 -12.84 35.44 5.64
N GLU B 155 -14.13 32.44 5.19
N GLU B 155 -13.20 34.25 6.13
CA GLU B 155 -15.38 31.71 5.41
CA GLU B 155 -14.61 33.87 6.16
C GLU B 155 -16.33 32.51 6.29
C GLU B 155 -15.40 34.77 7.10
N ALA B 156 -15.78 33.23 7.27
N ALA B 156 -14.84 35.06 8.29
CA ALA B 156 -16.61 34.08 8.12
CA ALA B 156 -15.49 35.98 9.20
C ALA B 156 -17.15 35.27 7.34
C ALA B 156 -15.65 37.37 8.59
N THR B 157 -16.34 35.83 6.45
N THR B 157 -14.91 37.66 7.53
CA THR B 157 -16.81 36.94 5.62
CA THR B 157 -15.11 38.89 6.76
C THR B 157 -17.93 36.49 4.69
C THR B 157 -16.13 38.72 5.65
N ASN B 158 -17.75 35.35 4.02
N ASN B 158 -16.24 37.52 5.08
CA ASN B 158 -18.80 34.84 3.13
CA ASN B 158 -17.17 37.27 3.97
C ASN B 158 -20.10 34.58 3.90
C ASN B 158 -18.55 36.89 4.48
N ARG B 159 -19.99 34.09 5.13
N ARG B 159 -18.82 35.60 4.62
CA ARG B 159 -21.19 33.91 5.96
CA ARG B 159 -20.13 35.02 4.88
C ARG B 159 -21.83 35.24 6.28
C ARG B 159 -21.07 35.85 5.75
N THR B 160 -21.03 36.28 6.52
N THR B 160 -20.62 37.01 6.22
CA THR B 160 -21.53 37.61 6.80
CA THR B 160 -21.50 37.97 6.89
C THR B 160 -21.81 38.37 5.50
C THR B 160 -22.04 38.98 5.90
N PRO B 165 -20.07 32.25 -3.37
CA PRO B 165 -18.90 32.32 -4.25
C PRO B 165 -19.13 31.59 -5.57
N THR B 166 -18.40 31.98 -6.62
CA THR B 166 -18.46 31.28 -7.88
C THR B 166 -17.85 29.90 -7.74
N ILE B 167 -18.11 29.04 -8.72
CA ILE B 167 -17.48 27.72 -8.74
C ILE B 167 -15.97 27.87 -8.74
N ALA B 168 -15.45 28.75 -9.59
CA ALA B 168 -14.00 28.91 -9.70
C ALA B 168 -13.40 29.44 -8.41
N ASP B 169 -14.01 30.48 -7.84
CA ASP B 169 -13.52 31.02 -6.57
C ASP B 169 -13.57 29.98 -5.47
N TYR B 170 -14.65 29.20 -5.42
CA TYR B 170 -14.78 28.20 -4.38
C TYR B 170 -13.66 27.17 -4.48
N LEU B 171 -13.43 26.65 -5.68
CA LEU B 171 -12.38 25.65 -5.84
C LEU B 171 -11.03 26.22 -5.45
N GLU B 172 -10.76 27.47 -5.84
CA GLU B 172 -9.48 28.10 -5.50
C GLU B 172 -9.33 28.21 -3.99
N LEU B 173 -10.37 28.69 -3.31
CA LEU B 173 -10.33 28.83 -1.86
C LEU B 173 -10.15 27.48 -1.17
N ARG B 174 -10.80 26.44 -1.69
CA ARG B 174 -10.72 25.15 -1.01
C ARG B 174 -9.35 24.51 -1.19
N HIS B 175 -8.65 24.75 -2.31
CA HIS B 175 -7.36 24.08 -2.54
C HIS B 175 -6.13 24.95 -2.27
N ARG B 176 -6.26 26.27 -2.28
CA ARG B 176 -5.12 27.12 -1.93
C ARG B 176 -5.05 27.42 -0.44
N THR B 177 -6.19 27.39 0.26
CA THR B 177 -6.23 27.85 1.64
C THR B 177 -7.05 26.94 2.54
N GLY B 178 -7.37 25.72 2.11
CA GLY B 178 -8.11 24.78 2.93
C GLY B 178 -7.20 23.92 3.79
N PHE B 179 -7.75 22.78 4.28
CA PHE B 179 -7.01 21.90 5.19
C PHE B 179 -6.13 20.88 4.49
N MET B 180 -6.25 20.72 3.19
CA MET B 180 -5.43 19.73 2.52
C MET B 180 -3.96 20.11 2.41
N PRO B 181 -3.59 21.38 2.22
CA PRO B 181 -2.13 21.67 2.16
C PRO B 181 -1.41 21.25 3.43
N PRO B 182 -1.93 21.57 4.63
CA PRO B 182 -1.30 21.00 5.84
C PRO B 182 -1.34 19.48 5.89
N LEU B 183 -2.45 18.86 5.47
CA LEU B 183 -2.48 17.41 5.55
C LEU B 183 -1.51 16.74 4.60
N LEU B 184 -1.25 17.35 3.43
CA LEU B 184 -0.24 16.79 2.54
C LEU B 184 1.14 16.86 3.17
N ASP B 185 1.48 17.97 3.83
CA ASP B 185 2.76 18.03 4.54
C ASP B 185 2.81 16.97 5.64
N LEU B 186 1.67 16.71 6.29
CA LEU B 186 1.63 15.74 7.39
C LEU B 186 1.93 14.34 6.91
N ILE B 187 1.51 13.99 5.69
CA ILE B 187 1.84 12.68 5.14
C ILE B 187 3.33 12.42 5.23
N GLU B 188 4.14 13.42 4.83
CA GLU B 188 5.60 13.26 4.88
C GLU B 188 6.09 13.01 6.29
N ARG B 189 5.50 13.69 7.26
CA ARG B 189 5.88 13.51 8.66
C ARG B 189 5.49 12.14 9.21
N VAL B 190 4.24 11.71 8.99
CA VAL B 190 3.77 10.49 9.65
C VAL B 190 4.42 9.27 9.00
N TRP B 191 4.61 9.30 7.69
CA TRP B 191 5.30 8.22 6.98
C TRP B 191 6.81 8.33 7.09
N ARG B 192 7.33 9.42 7.66
CA ARG B 192 8.75 9.68 7.76
C ARG B 192 9.42 9.54 6.40
N ALA B 193 8.90 10.34 5.49
CA ALA B 193 9.30 10.28 4.09
C ALA B 193 9.12 11.68 3.50
N GLU B 194 10.15 12.51 3.60
CA GLU B 194 10.12 13.82 2.98
C GLU B 194 10.32 13.69 1.47
N ILE B 195 9.47 14.37 0.72
CA ILE B 195 9.64 14.42 -0.74
C ILE B 195 10.94 15.16 -1.06
N PRO B 196 11.83 14.60 -1.87
CA PRO B 196 13.10 15.28 -2.16
C PRO B 196 12.88 16.67 -2.73
N ALA B 197 13.68 17.62 -2.27
CA ALA B 197 13.47 19.00 -2.67
C ALA B 197 13.47 19.19 -4.18
N PRO B 198 14.38 18.60 -4.96
CA PRO B 198 14.37 18.85 -6.40
C PRO B 198 13.15 18.31 -7.11
N VAL B 199 12.42 17.36 -6.54
CA VAL B 199 11.26 16.82 -7.25
C VAL B 199 9.96 17.45 -6.74
N TYR B 200 9.97 18.10 -5.57
CA TYR B 200 8.73 18.60 -4.99
C TYR B 200 8.08 19.64 -5.87
N THR B 201 8.89 20.47 -6.52
CA THR B 201 8.39 21.56 -7.35
C THR B 201 8.13 21.18 -8.80
N THR B 202 8.34 19.92 -9.18
CA THR B 202 8.12 19.52 -10.56
C THR B 202 6.63 19.54 -10.91
N PRO B 203 6.29 19.74 -12.17
CA PRO B 203 4.87 19.66 -12.57
C PRO B 203 4.22 18.36 -12.14
N GLU B 204 4.95 17.26 -12.28
CA GLU B 204 4.42 15.94 -11.93
C GLU B 204 4.03 15.86 -10.46
N VAL B 205 4.95 16.19 -9.55
CA VAL B 205 4.61 16.09 -8.13
C VAL B 205 3.55 17.13 -7.76
N GLN B 206 3.64 18.34 -8.31
CA GLN B 206 2.63 19.34 -8.03
C GLN B 206 1.25 18.88 -8.50
N THR B 207 1.19 18.18 -9.63
CA THR B 207 -0.08 17.62 -10.08
C THR B 207 -0.61 16.55 -9.12
N LEU B 208 0.28 15.69 -8.60
CA LEU B 208 -0.16 14.69 -7.63
C LEU B 208 -0.69 15.37 -6.37
N LEU B 209 0.00 16.40 -5.89
CA LEU B 209 -0.48 17.10 -4.70
C LEU B 209 -1.81 17.77 -4.98
N HIS B 210 -1.95 18.40 -6.14
CA HIS B 210 -3.17 19.15 -6.46
C HIS B 210 -4.36 18.21 -6.62
N THR B 211 -4.16 17.09 -7.31
CA THR B 211 -5.27 16.15 -7.53
C THR B 211 -5.66 15.45 -6.23
N THR B 212 -4.68 15.10 -5.38
CA THR B 212 -5.02 14.56 -4.05
C THR B 212 -5.87 15.57 -3.29
N ASN B 213 -5.42 16.83 -3.26
CA ASN B 213 -6.11 17.92 -2.58
C ASN B 213 -7.57 18.03 -3.04
N GLN B 214 -7.78 18.17 -4.35
CA GLN B 214 -9.13 18.41 -4.85
C GLN B 214 -10.02 17.18 -4.73
N ASN B 215 -9.48 15.99 -5.02
CA ASN B 215 -10.27 14.78 -4.88
C ASN B 215 -10.81 14.67 -3.47
N ILE B 216 -9.95 14.84 -2.46
CA ILE B 216 -10.38 14.69 -1.09
C ILE B 216 -11.38 15.78 -0.71
N ASN B 217 -11.12 17.03 -1.13
CA ASN B 217 -12.07 18.12 -0.82
C ASN B 217 -13.45 17.80 -1.36
N ILE B 218 -13.54 17.33 -2.60
CA ILE B 218 -14.84 17.25 -3.23
C ILE B 218 -15.53 15.94 -2.87
N VAL B 219 -14.77 14.86 -2.65
CA VAL B 219 -15.38 13.66 -2.08
C VAL B 219 -15.97 14.00 -0.72
N ASN B 220 -15.24 14.78 0.10
CA ASN B 220 -15.84 15.20 1.36
C ASN B 220 -17.08 16.08 1.13
N ASP B 221 -17.03 17.02 0.18
CA ASP B 221 -18.22 17.83 -0.06
C ASP B 221 -19.43 16.96 -0.39
N VAL B 222 -19.23 15.95 -1.23
CA VAL B 222 -20.38 15.12 -1.62
C VAL B 222 -20.90 14.35 -0.41
N LEU B 223 -20.00 13.78 0.37
CA LEU B 223 -20.42 12.90 1.44
C LEU B 223 -20.76 13.62 2.73
N SER B 224 -20.38 14.89 2.88
CA SER B 224 -20.79 15.68 4.05
C SER B 224 -21.88 16.69 3.70
N LEU B 225 -22.44 16.60 2.49
CA LEU B 225 -23.44 17.56 2.01
C LEU B 225 -24.63 17.69 2.95
N GLU B 226 -25.24 16.55 3.29
CA GLU B 226 -26.45 16.61 4.11
C GLU B 226 -26.18 17.28 5.46
N LYS B 227 -25.04 16.97 6.09
CA LYS B 227 -24.68 17.65 7.34
C LYS B 227 -24.59 19.16 7.15
N GLU B 228 -23.92 19.57 6.08
CA GLU B 228 -23.66 20.99 5.90
C GLU B 228 -24.91 21.74 5.51
N GLU B 229 -25.79 21.10 4.73
CA GLU B 229 -27.09 21.68 4.42
C GLU B 229 -27.92 21.87 5.69
N ALA B 230 -27.94 20.85 6.54
CA ALA B 230 -28.71 20.93 7.78
C ALA B 230 -28.21 22.05 8.68
N HIS B 231 -26.92 22.37 8.65
CA HIS B 231 -26.37 23.46 9.45
CA HIS B 231 -26.37 23.46 9.45
C HIS B 231 -26.47 24.81 8.77
N GLY B 232 -26.83 24.85 7.48
CA GLY B 232 -26.90 26.11 6.77
C GLY B 232 -25.57 26.60 6.26
N ASP B 233 -24.57 25.73 6.19
CA ASP B 233 -23.24 26.11 5.74
C ASP B 233 -23.20 26.14 4.22
N PRO B 234 -22.92 27.29 3.59
CA PRO B 234 -22.91 27.34 2.12
C PRO B 234 -21.66 26.78 1.48
N HIS B 235 -20.65 26.41 2.28
CA HIS B 235 -19.33 26.07 1.75
C HIS B 235 -19.31 24.60 1.35
N ASN B 236 -19.82 24.34 0.15
CA ASN B 236 -19.91 22.99 -0.39
C ASN B 236 -20.08 23.12 -1.89
N LEU B 237 -19.21 22.43 -2.65
CA LEU B 237 -19.23 22.59 -4.10
C LEU B 237 -20.60 22.29 -4.69
N VAL B 238 -21.30 21.30 -4.15
CA VAL B 238 -22.59 20.95 -4.74
C VAL B 238 -23.54 22.15 -4.65
N LEU B 239 -23.59 22.78 -3.48
CA LEU B 239 -24.45 23.94 -3.30
C LEU B 239 -23.98 25.11 -4.15
N VAL B 240 -22.65 25.28 -4.27
CA VAL B 240 -22.10 26.38 -5.06
C VAL B 240 -22.45 26.18 -6.53
N ILE B 241 -22.31 24.96 -7.04
CA ILE B 241 -22.71 24.68 -8.42
C ILE B 241 -24.18 24.99 -8.63
N GLN B 242 -25.05 24.50 -7.73
CA GLN B 242 -26.48 24.70 -7.92
C GLN B 242 -26.81 26.18 -7.96
N HIS B 243 -26.22 26.95 -7.06
CA HIS B 243 -26.51 28.38 -7.02
C HIS B 243 -26.03 29.05 -8.29
N GLU B 244 -24.81 28.75 -8.73
CA GLU B 244 -24.26 29.45 -9.87
C GLU B 244 -25.00 29.09 -11.15
N ARG B 245 -25.32 27.81 -11.32
CA ARG B 245 -25.89 27.29 -12.55
C ARG B 245 -27.39 27.10 -12.49
N GLN B 246 -28.00 27.36 -11.33
CA GLN B 246 -29.42 27.10 -11.14
C GLN B 246 -29.76 25.68 -11.58
N SER B 247 -28.91 24.73 -11.20
CA SER B 247 -29.06 23.35 -11.59
C SER B 247 -29.71 22.55 -10.45
N THR B 248 -30.19 21.37 -10.80
CA THR B 248 -30.80 20.51 -9.81
C THR B 248 -29.72 19.85 -8.93
N ARG B 249 -30.19 19.21 -7.86
CA ARG B 249 -29.28 18.50 -6.98
C ARG B 249 -28.56 17.38 -7.72
N GLN B 250 -29.29 16.61 -8.51
CA GLN B 250 -28.67 15.52 -9.26
CA GLN B 250 -28.67 15.53 -9.26
C GLN B 250 -27.67 16.06 -10.29
N GLN B 251 -28.01 17.15 -10.96
CA GLN B 251 -27.08 17.73 -11.94
C GLN B 251 -25.77 18.11 -11.26
N ALA B 252 -25.86 18.77 -10.10
CA ALA B 252 -24.67 19.26 -9.43
C ALA B 252 -23.86 18.10 -8.85
N LEU B 253 -24.54 17.08 -8.31
CA LEU B 253 -23.85 15.87 -7.88
C LEU B 253 -23.14 15.19 -9.05
N ALA B 254 -23.78 15.14 -10.22
CA ALA B 254 -23.13 14.51 -11.38
C ALA B 254 -21.93 15.32 -11.83
N THR B 255 -22.01 16.66 -11.71
CA THR B 255 -20.85 17.49 -12.01
C THR B 255 -19.70 17.21 -11.05
N ALA B 256 -19.99 17.15 -9.75
CA ALA B 256 -18.95 16.81 -8.79
C ALA B 256 -18.37 15.44 -9.09
N ARG B 257 -19.22 14.48 -9.47
CA ARG B 257 -18.76 13.13 -9.78
C ARG B 257 -17.76 13.17 -10.93
N ARG B 258 -18.09 13.89 -12.01
CA ARG B 258 -17.16 13.98 -13.13
C ARG B 258 -15.84 14.60 -12.71
N MET B 259 -15.88 15.60 -11.83
CA MET B 259 -14.65 16.25 -11.39
C MET B 259 -13.81 15.29 -10.57
N ILE B 260 -14.43 14.61 -9.61
CA ILE B 260 -13.73 13.60 -8.81
C ILE B 260 -13.08 12.58 -9.72
N ASP B 261 -13.84 12.03 -10.69
CA ASP B 261 -13.28 11.01 -11.55
C ASP B 261 -12.11 11.54 -12.37
N GLU B 262 -12.19 12.79 -12.83
CA GLU B 262 -11.10 13.37 -13.61
C GLU B 262 -9.84 13.52 -12.77
N TRP B 263 -9.97 13.99 -11.53
CA TRP B 263 -8.79 14.11 -10.67
C TRP B 263 -8.18 12.75 -10.35
N THR B 264 -9.02 11.73 -10.12
CA THR B 264 -8.50 10.39 -9.87
C THR B 264 -7.72 9.89 -11.08
N ASP B 265 -8.30 10.07 -12.25
CA ASP B 265 -7.62 9.67 -13.48
C ASP B 265 -6.30 10.40 -13.67
N THR B 266 -6.28 11.71 -13.40
CA THR B 266 -5.04 12.48 -13.53
C THR B 266 -3.99 11.95 -12.56
N PHE B 267 -4.40 11.62 -11.33
CA PHE B 267 -3.45 11.10 -10.37
C PHE B 267 -2.79 9.82 -10.88
N ILE B 268 -3.60 8.84 -11.29
CA ILE B 268 -3.04 7.54 -11.62
C ILE B 268 -2.30 7.54 -12.94
N ARG B 269 -2.63 8.47 -13.86
CA ARG B 269 -1.89 8.66 -15.11
C ARG B 269 -0.54 9.35 -14.89
N THR B 270 -0.37 10.05 -13.78
CA THR B 270 0.82 10.86 -13.52
C THR B 270 1.88 10.10 -12.73
N GLU B 271 1.44 9.29 -11.76
CA GLU B 271 2.36 8.48 -10.96
CA GLU B 271 2.38 8.52 -10.95
C GLU B 271 3.40 7.73 -11.76
N PRO B 272 3.07 7.09 -12.89
CA PRO B 272 4.08 6.32 -13.62
C PRO B 272 5.22 7.14 -14.18
N ARG B 273 5.08 8.45 -14.21
CA ARG B 273 6.15 9.30 -14.71
C ARG B 273 7.27 9.50 -13.69
N LEU B 274 7.04 9.17 -12.43
CA LEU B 274 7.99 9.59 -11.42
C LEU B 274 9.35 8.92 -11.51
N PRO B 275 9.48 7.62 -11.76
CA PRO B 275 10.84 7.03 -11.78
C PRO B 275 11.72 7.66 -12.83
N ALA B 276 11.21 7.86 -14.05
CA ALA B 276 12.02 8.47 -15.10
C ALA B 276 12.34 9.92 -14.77
N LEU B 277 11.42 10.62 -14.12
CA LEU B 277 11.68 11.99 -13.70
C LEU B 277 12.82 12.02 -12.70
N CYS B 278 12.80 11.12 -11.73
CA CYS B 278 13.88 11.05 -10.76
C CYS B 278 15.20 10.78 -11.43
N GLY B 279 15.19 9.95 -12.46
CA GLY B 279 16.40 9.69 -13.21
C GLY B 279 16.93 10.94 -13.89
N ARG B 280 16.05 11.72 -14.51
CA ARG B 280 16.49 12.95 -15.18
C ARG B 280 17.02 13.97 -14.20
N LEU B 281 16.52 13.97 -12.96
CA LEU B 281 16.99 14.91 -11.96
C LEU B 281 18.17 14.36 -11.15
N GLY B 282 18.60 13.14 -11.43
CA GLY B 282 19.76 12.57 -10.74
C GLY B 282 19.51 12.22 -9.28
N ILE B 283 18.29 11.87 -8.93
CA ILE B 283 17.93 11.59 -7.54
C ILE B 283 18.47 10.22 -7.14
N PRO B 284 19.24 10.10 -6.06
CA PRO B 284 19.69 8.76 -5.62
C PRO B 284 18.52 7.85 -5.28
N LEU B 285 18.73 6.55 -5.43
CA LEU B 285 17.62 5.60 -5.28
C LEU B 285 16.97 5.68 -3.90
N ALA B 286 17.76 5.88 -2.84
CA ALA B 286 17.18 5.94 -1.50
C ALA B 286 16.23 7.13 -1.35
N ASP B 287 16.58 8.25 -1.97
CA ASP B 287 15.69 9.40 -1.95
C ASP B 287 14.45 9.15 -2.78
N ARG B 288 14.56 8.38 -3.87
CA ARG B 288 13.38 8.07 -4.63
C ARG B 288 12.39 7.30 -3.76
N THR B 289 12.87 6.38 -2.93
CA THR B 289 11.91 5.61 -2.12
CA THR B 289 11.92 5.62 -2.12
C THR B 289 11.15 6.52 -1.17
N SER B 290 11.77 7.62 -0.70
CA SER B 290 11.02 8.59 0.09
CA SER B 290 11.02 8.59 0.09
C SER B 290 9.87 9.18 -0.73
N LEU B 291 10.14 9.56 -1.97
CA LEU B 291 9.08 10.05 -2.83
C LEU B 291 7.98 9.01 -3.02
N TYR B 292 8.36 7.76 -3.29
CA TYR B 292 7.37 6.72 -3.52
C TYR B 292 6.55 6.47 -2.28
N THR B 293 7.15 6.65 -1.11
CA THR B 293 6.41 6.46 0.15
C THR B 293 5.38 7.57 0.34
N ALA B 294 5.77 8.81 0.08
CA ALA B 294 4.83 9.92 0.16
C ALA B 294 3.69 9.76 -0.83
N VAL B 295 3.97 9.27 -2.03
CA VAL B 295 2.92 9.04 -3.02
C VAL B 295 1.98 7.93 -2.56
N GLU B 296 2.51 6.85 -1.96
CA GLU B 296 1.66 5.85 -1.35
C GLU B 296 0.79 6.48 -0.27
N GLY B 297 1.36 7.40 0.52
CA GLY B 297 0.56 8.12 1.50
C GLY B 297 -0.57 8.90 0.86
N MET B 298 -0.32 9.49 -0.29
CA MET B 298 -1.40 10.17 -1.01
C MET B 298 -2.49 9.21 -1.46
N ARG B 299 -2.12 8.04 -1.98
CA ARG B 299 -3.11 7.02 -2.35
C ARG B 299 -3.94 6.63 -1.13
N ALA B 300 -3.27 6.36 -0.02
CA ALA B 300 -3.96 5.97 1.20
C ALA B 300 -4.87 7.08 1.70
N ALA B 301 -4.46 8.33 1.54
CA ALA B 301 -5.29 9.47 1.91
C ALA B 301 -6.53 9.56 1.04
N ILE B 302 -6.38 9.43 -0.29
CA ILE B 302 -7.54 9.51 -1.18
C ILE B 302 -8.55 8.43 -0.83
N ARG B 303 -8.07 7.19 -0.68
CA ARG B 303 -8.97 6.09 -0.38
C ARG B 303 -9.48 6.19 1.04
N GLY B 304 -8.60 6.53 1.99
CA GLY B 304 -9.03 6.59 3.37
C GLY B 304 -10.07 7.66 3.59
N ASN B 305 -9.90 8.82 2.95
CA ASN B 305 -10.93 9.85 3.00
C ASN B 305 -12.26 9.32 2.52
N TYR B 306 -12.27 8.63 1.38
CA TYR B 306 -13.52 8.11 0.83
C TYR B 306 -14.15 7.13 1.80
N ASP B 307 -13.38 6.14 2.26
CA ASP B 307 -13.96 5.11 3.11
C ASP B 307 -14.43 5.71 4.43
N TRP B 308 -13.67 6.65 5.00
CA TRP B 308 -14.08 7.22 6.27
C TRP B 308 -15.30 8.14 6.12
N CYS B 309 -15.31 9.02 5.12
CA CYS B 309 -16.47 9.87 4.90
C CYS B 309 -17.72 9.03 4.65
N ALA B 310 -17.56 7.87 4.01
CA ALA B 310 -18.71 7.02 3.73
C ALA B 310 -19.23 6.35 5.01
N GLU B 311 -18.34 5.97 5.94
CA GLU B 311 -18.74 5.22 7.13
C GLU B 311 -19.06 6.08 8.35
N THR B 312 -18.52 7.30 8.46
CA THR B 312 -18.60 8.02 9.74
C THR B 312 -19.98 8.58 10.07
N ASN B 313 -20.38 8.37 11.33
N ASN B 313 -20.40 8.41 11.32
CA ASN B 313 -21.58 8.98 11.90
CA ASN B 313 -21.65 9.00 11.76
C ASN B 313 -21.56 10.50 11.78
C ASN B 313 -21.55 10.52 11.95
N ARG B 314 -20.36 11.10 11.77
CA ARG B 314 -20.28 12.56 11.70
C ARG B 314 -21.14 13.10 10.56
N TYR B 315 -21.22 12.34 9.46
CA TYR B 315 -22.00 12.70 8.27
C TYR B 315 -23.25 11.87 8.12
N VAL B 317 -25.38 10.29 9.70
CA VAL B 317 -26.48 10.63 10.61
C VAL B 317 -27.52 11.51 9.91
N HIS B 318 -27.03 12.45 9.10
CA HIS B 318 -27.85 13.41 8.40
C HIS B 318 -28.35 12.91 7.03
N ARG B 319 -27.97 11.70 6.62
CA ARG B 319 -28.40 11.16 5.34
C ARG B 319 -29.74 10.45 5.48
N PRO B 320 -30.46 10.26 4.35
CA PRO B 320 -31.77 9.57 4.41
N THR B 328 -23.42 16.41 19.04
CA THR B 328 -22.20 17.21 19.06
C THR B 328 -21.46 17.02 20.39
N PRO B 329 -20.14 16.78 20.34
CA PRO B 329 -19.38 16.56 21.59
C PRO B 329 -18.70 17.79 22.17
N TRP B 330 -18.92 18.99 21.66
CA TRP B 330 -18.07 20.11 22.07
C TRP B 330 -18.74 20.97 23.15
#